data_6JWU
#
_entry.id   6JWU
#
_cell.length_a   99.152
_cell.length_b   136.963
_cell.length_c   137.112
_cell.angle_alpha   90.000
_cell.angle_beta   90.000
_cell.angle_gamma   90.000
#
_symmetry.space_group_name_H-M   'P 21 21 21'
#
loop_
_entity.id
_entity.type
_entity.pdbx_description
1 polymer '7,8-dihydro-6-hydroxymethylpterin pyrophosphokinase-dihydropteroate synthase'
2 non-polymer 4-{[(2-amino-4-oxo-3,4,7,8-tetrahydropteridin-6-yl)methyl]amino}-N-(1,3-thiazol-2-yl)benzenesulfonamide
3 non-polymer 2-AMINO-6-HYDROXYMETHYL-7,8-DIHYDRO-3H-PTERIDIN-4-ONE
4 non-polymer 'PHOSPHATE ION'
5 non-polymer 'ADENOSINE MONOPHOSPHATE'
6 non-polymer 'MAGNESIUM ION'
7 non-polymer 'CALCIUM ION'
8 non-polymer 'ACETATE ION'
9 water water
#
_entity_poly.entity_id   1
_entity_poly.type   'polypeptide(L)'
_entity_poly.pdbx_seq_one_letter_code
;METIQELILSEENKTNIAVLNLGTNDRRNAVLILETALHLVEKYLGKIINTSYLYETVPEYIVLDKKESCEKINKDCRIY
DVNYINELMQNLEESKYEENKELIDKCEEYETFLKNGKVDNSILKEVNVENYLLECNNIIVKNDEIMKNNLSKYKDKYYT
SYFYNLTVVVKTFVNDPLSMLVVIKYIEELMKRENVKEKEKFENRIIDIDILFFNDFTIFMKNIKLEKNMIYKILSKYIH
LERDIKNGNDNMSKVNMDKDINLNNNNNIKKKNNNDIDCDCVDQKMNNHVNNKNYINSFRDPQEIINNMVDNIEFLSIPH
VYTTHRYSILLCLNDMIPEYKHNVLNNTIRCLYNKYVSRMKEQYNINIKENNKRIYVLKDRISYLKEKTNIVGILNVNYD
SFSDGGIFVEPKRAVQRMFEMINEGASVIDIGGESSAPFVIPNPKISERDLVVPVLQLFQKEWNDIKNKIVKCDAKPIIS
IDTINYNVFKECVDNDLVDILNDISACTNNPEIIKLLKKKNKFYSVVLMHKRGNPHTMDKLTNYDNLVYDIKNYLEQRLN
FLVLNGIPRYRILFDIGLGFAKKHDQSIKLLQNIHVYDEYPLFIGYSRKRFIAHCMNDQNVVINTQQKLHDEQQNENKNI
VDKSHNWMFQMNYMRKDKDQLLYQKNICGGLAIASYSYYKKVDLIRVHDVLETKSVLDVLTKIDQVKDPNSSSVDKLAAA
LEHHHHHH
;
_entity_poly.pdbx_strand_id   A,B
#
loop_
_chem_comp.id
_chem_comp.type
_chem_comp.name
_chem_comp.formula
ACT non-polymer 'ACETATE ION' 'C2 H3 O2 -1'
AMP non-polymer 'ADENOSINE MONOPHOSPHATE' 'C10 H14 N5 O7 P'
CA non-polymer 'CALCIUM ION' 'Ca 2'
MG non-polymer 'MAGNESIUM ION' 'Mg 2'
PH2 non-polymer 2-AMINO-6-HYDROXYMETHYL-7,8-DIHYDRO-3H-PTERIDIN-4-ONE 'C7 H9 N5 O2'
PO4 non-polymer 'PHOSPHATE ION' 'O4 P -3'
XTZ non-polymer 4-{[(2-amino-4-oxo-3,4,7,8-tetrahydropteridin-6-yl)methyl]amino}-N-(1,3-thiazol-2-yl)benzenesulfonamide 'C16 H16 N8 O3 S2'
#
# COMPACT_ATOMS: atom_id res chain seq x y z
N GLU A 2 45.17 5.56 52.79
CA GLU A 2 44.40 5.25 51.53
C GLU A 2 45.33 5.41 50.31
N THR A 3 46.05 4.33 49.96
CA THR A 3 47.02 4.31 48.81
C THR A 3 46.23 4.34 47.49
N ILE A 4 45.16 3.54 47.40
CA ILE A 4 44.25 3.42 46.22
C ILE A 4 42.88 4.02 46.54
N GLN A 5 42.57 4.23 47.83
CA GLN A 5 41.18 4.48 48.28
C GLN A 5 41.00 5.93 48.69
N GLU A 6 41.93 6.83 48.33
CA GLU A 6 41.84 8.26 48.73
C GLU A 6 40.50 8.78 48.21
N LEU A 7 40.31 8.78 46.89
CA LEU A 7 39.14 9.40 46.22
C LEU A 7 38.19 8.33 45.67
N ILE A 8 38.64 7.08 45.46
CA ILE A 8 37.78 6.05 44.83
C ILE A 8 36.66 5.67 45.82
N LEU A 9 37.00 5.48 47.09
CA LEU A 9 36.02 5.12 48.15
C LEU A 9 35.44 6.36 48.84
N SER A 10 35.73 7.58 48.36
CA SER A 10 35.36 8.86 49.03
C SER A 10 33.89 8.83 49.46
N GLU A 11 33.64 9.16 50.74
CA GLU A 11 32.29 9.17 51.37
C GLU A 11 31.39 10.20 50.69
N GLU A 12 31.98 11.31 50.20
CA GLU A 12 31.29 12.43 49.51
C GLU A 12 30.46 11.86 48.33
N ASN A 13 29.14 11.75 48.51
CA ASN A 13 28.22 11.14 47.53
C ASN A 13 27.93 12.15 46.41
N LYS A 14 28.01 11.70 45.16
CA LYS A 14 27.82 12.55 43.95
C LYS A 14 26.81 11.86 43.03
N THR A 15 26.38 12.58 42.01
CA THR A 15 25.42 12.13 40.97
C THR A 15 26.11 12.27 39.63
N ASN A 16 26.45 11.14 39.01
CA ASN A 16 27.04 11.11 37.66
C ASN A 16 25.96 10.61 36.67
N ILE A 17 26.16 10.90 35.39
CA ILE A 17 25.41 10.32 34.25
C ILE A 17 26.29 9.26 33.57
N ALA A 18 25.79 8.04 33.46
CA ALA A 18 26.49 6.96 32.74
C ALA A 18 25.62 6.50 31.58
N VAL A 19 26.23 6.17 30.43
CA VAL A 19 25.51 5.56 29.29
C VAL A 19 26.06 4.14 29.14
N LEU A 20 25.18 3.14 29.23
CA LEU A 20 25.55 1.70 29.19
C LEU A 20 25.05 1.07 27.90
N ASN A 21 25.75 0.02 27.49
CA ASN A 21 25.32 -0.89 26.41
C ASN A 21 25.07 -2.25 27.06
N LEU A 22 23.95 -2.88 26.74
CA LEU A 22 23.57 -4.23 27.23
C LEU A 22 23.39 -5.11 26.00
N GLY A 23 23.98 -6.30 26.01
CA GLY A 23 23.92 -7.21 24.86
C GLY A 23 23.76 -8.65 25.31
N THR A 24 23.01 -9.43 24.51
CA THR A 24 22.91 -10.91 24.62
C THR A 24 22.70 -11.50 23.24
N ASN A 25 23.03 -12.78 23.04
CA ASN A 25 22.74 -13.46 21.74
C ASN A 25 21.81 -14.65 21.96
N ASP A 26 21.18 -14.75 23.12
CA ASP A 26 20.05 -15.69 23.41
C ASP A 26 18.74 -15.01 22.98
N ARG A 27 18.32 -15.23 21.72
CA ARG A 27 17.08 -14.68 21.12
C ARG A 27 15.87 -15.08 21.97
N ARG A 28 15.76 -16.35 22.33
CA ARG A 28 14.53 -16.87 22.98
C ARG A 28 14.38 -16.21 24.35
N ASN A 29 15.47 -15.82 25.00
CA ASN A 29 15.43 -15.28 26.39
C ASN A 29 15.89 -13.82 26.46
N ALA A 30 16.17 -13.20 25.30
CA ALA A 30 16.60 -11.79 25.17
C ALA A 30 15.86 -10.91 26.19
N VAL A 31 14.54 -10.76 26.07
CA VAL A 31 13.70 -9.86 26.92
C VAL A 31 13.96 -10.13 28.41
N LEU A 32 14.04 -11.40 28.80
CA LEU A 32 14.14 -11.80 30.24
C LEU A 32 15.51 -11.41 30.79
N ILE A 33 16.53 -11.56 29.96
CA ILE A 33 17.97 -11.35 30.31
C ILE A 33 18.23 -9.85 30.36
N LEU A 34 17.90 -9.12 29.30
CA LEU A 34 18.16 -7.66 29.24
C LEU A 34 17.35 -6.96 30.35
N GLU A 35 16.10 -7.36 30.58
CA GLU A 35 15.27 -6.70 31.61
C GLU A 35 15.75 -7.10 33.01
N THR A 36 16.36 -8.27 33.17
CA THR A 36 16.96 -8.68 34.47
C THR A 36 18.22 -7.83 34.69
N ALA A 37 18.96 -7.53 33.62
CA ALA A 37 20.09 -6.59 33.68
C ALA A 37 19.55 -5.20 34.02
N LEU A 38 18.45 -4.78 33.37
CA LEU A 38 17.82 -3.44 33.64
C LEU A 38 17.46 -3.32 35.12
N HIS A 39 16.92 -4.36 35.75
CA HIS A 39 16.54 -4.31 37.20
C HIS A 39 17.78 -4.25 38.08
N LEU A 40 18.86 -4.94 37.73
CA LEU A 40 20.11 -4.91 38.54
C LEU A 40 20.78 -3.54 38.36
N VAL A 41 20.60 -2.88 37.21
CA VAL A 41 21.07 -1.48 37.01
C VAL A 41 20.28 -0.54 37.92
N GLU A 42 18.94 -0.61 37.97
CA GLU A 42 18.11 0.25 38.88
C GLU A 42 18.49 0.01 40.34
N LYS A 43 18.84 -1.24 40.63
CA LYS A 43 19.03 -1.69 42.03
C LYS A 43 20.41 -1.26 42.51
N TYR A 44 21.45 -1.46 41.70
CA TYR A 44 22.86 -1.38 42.15
C TYR A 44 23.54 -0.11 41.63
N LEU A 45 23.15 0.50 40.52
CA LEU A 45 23.98 1.58 39.92
C LEU A 45 23.31 2.94 40.12
N GLY A 46 21.98 3.01 40.16
CA GLY A 46 21.30 4.30 40.32
C GLY A 46 19.93 4.28 39.70
N LYS A 47 19.61 5.28 38.89
CA LYS A 47 18.25 5.44 38.34
C LYS A 47 18.33 5.44 36.81
N ILE A 48 17.51 4.63 36.16
CA ILE A 48 17.36 4.59 34.68
C ILE A 48 16.44 5.74 34.24
N ILE A 49 16.97 6.64 33.41
CA ILE A 49 16.27 7.86 32.93
C ILE A 49 16.27 7.91 31.41
N ASN A 50 16.74 6.87 30.73
CA ASN A 50 16.54 6.73 29.27
C ASN A 50 16.88 5.30 28.88
N THR A 51 16.26 4.81 27.81
CA THR A 51 16.54 3.51 27.16
C THR A 51 16.36 3.67 25.66
N SER A 52 17.10 2.91 24.85
CA SER A 52 16.86 2.79 23.40
C SER A 52 15.73 1.79 23.20
N TYR A 53 15.28 1.61 21.97
CA TYR A 53 14.59 0.37 21.56
C TYR A 53 15.53 -0.81 21.72
N LEU A 54 14.95 -2.00 21.71
CA LEU A 54 15.68 -3.28 21.63
C LEU A 54 15.99 -3.50 20.15
N TYR A 55 17.18 -3.99 19.78
CA TYR A 55 17.48 -4.34 18.36
C TYR A 55 18.00 -5.76 18.21
N GLU A 56 17.53 -6.42 17.16
CA GLU A 56 18.17 -7.61 16.60
C GLU A 56 19.24 -7.13 15.64
N THR A 57 20.51 -7.42 15.96
CA THR A 57 21.67 -6.77 15.30
C THR A 57 22.59 -7.84 14.68
N VAL A 58 23.23 -7.51 13.55
CA VAL A 58 24.24 -8.38 12.88
C VAL A 58 25.55 -8.29 13.66
N PRO A 59 26.19 -9.45 14.00
CA PRO A 59 27.55 -9.44 14.55
C PRO A 59 28.50 -8.47 13.86
N GLU A 60 29.16 -7.63 14.66
CA GLU A 60 30.12 -6.59 14.22
C GLU A 60 31.42 -6.77 15.01
N TYR A 61 31.99 -7.97 14.91
CA TYR A 61 33.36 -8.31 15.38
C TYR A 61 34.38 -7.61 14.46
N ILE A 62 34.09 -7.63 13.15
CA ILE A 62 34.92 -7.09 12.02
C ILE A 62 35.26 -5.61 12.28
N VAL A 63 34.25 -4.75 12.40
CA VAL A 63 34.40 -3.27 12.57
C VAL A 63 35.12 -2.70 11.35
N ASN A 83 16.16 -20.60 34.10
CA ASN A 83 15.26 -19.92 35.08
C ASN A 83 15.90 -19.88 36.47
N TYR A 84 17.23 -20.02 36.58
CA TYR A 84 17.99 -19.64 37.80
C TYR A 84 18.00 -18.10 37.91
N ILE A 85 17.71 -17.41 36.81
CA ILE A 85 17.40 -15.94 36.80
C ILE A 85 16.26 -15.73 37.80
N ASN A 86 15.21 -16.53 37.70
CA ASN A 86 14.00 -16.37 38.54
C ASN A 86 14.37 -16.72 39.98
N GLU A 87 15.32 -17.64 40.17
CA GLU A 87 15.81 -18.06 41.52
C GLU A 87 16.65 -16.92 42.10
N LEU A 88 17.72 -16.53 41.39
CA LEU A 88 18.63 -15.38 41.68
C LEU A 88 17.84 -14.18 42.23
N MET A 89 16.74 -13.83 41.59
CA MET A 89 15.93 -12.63 41.89
C MET A 89 15.38 -12.68 43.31
N GLN A 90 15.25 -13.87 43.90
CA GLN A 90 14.74 -14.06 45.28
C GLN A 90 15.88 -14.00 46.29
N ASN A 91 17.13 -14.03 45.84
CA ASN A 91 18.35 -14.22 46.68
C ASN A 91 19.36 -13.09 46.46
N LEU A 92 18.95 -11.90 46.03
CA LEU A 92 19.88 -10.76 45.75
C LEU A 92 20.28 -10.06 47.05
N GLU A 93 21.50 -9.54 47.11
CA GLU A 93 21.98 -8.71 48.24
C GLU A 93 21.41 -7.29 48.06
N GLU A 94 21.14 -6.61 49.15
CA GLU A 94 20.47 -5.28 49.15
C GLU A 94 21.51 -4.21 48.79
N SER A 95 21.13 -3.25 47.94
CA SER A 95 21.93 -2.03 47.66
C SER A 95 22.01 -1.26 48.98
N LYS A 96 23.08 -0.48 49.19
CA LYS A 96 23.22 0.47 50.32
C LYS A 96 22.59 1.80 49.96
N TYR A 97 22.20 1.96 48.69
CA TYR A 97 21.50 3.17 48.19
C TYR A 97 20.03 2.82 48.00
N GLU A 98 19.18 3.80 48.26
CA GLU A 98 17.72 3.62 48.39
C GLU A 98 17.10 3.67 47.00
N GLU A 99 16.04 2.90 46.78
CA GLU A 99 15.20 3.08 45.58
C GLU A 99 14.27 4.26 45.85
N ASN A 100 13.89 4.98 44.80
CA ASN A 100 12.88 6.06 44.81
C ASN A 100 12.08 5.91 43.53
N LYS A 101 10.85 5.42 43.64
CA LYS A 101 9.94 5.24 42.50
C LYS A 101 9.17 6.53 42.22
N GLU A 102 9.36 7.60 43.00
CA GLU A 102 8.60 8.87 42.82
C GLU A 102 8.83 9.41 41.41
N LEU A 103 7.79 9.91 40.79
CA LEU A 103 7.91 10.46 39.42
C LEU A 103 8.79 11.70 39.47
N ILE A 104 9.47 12.00 38.36
CA ILE A 104 10.25 13.25 38.17
C ILE A 104 9.87 13.82 36.80
N ASP A 105 9.98 15.14 36.63
CA ASP A 105 9.69 15.89 35.37
C ASP A 105 10.98 16.30 34.67
N LYS A 106 12.09 16.27 35.40
CA LYS A 106 13.35 16.95 35.05
C LYS A 106 14.46 16.14 35.68
N CYS A 107 15.63 16.17 35.07
CA CYS A 107 16.90 15.75 35.72
C CYS A 107 18.00 16.72 35.29
N GLU A 108 18.37 17.68 36.15
CA GLU A 108 19.41 18.70 35.88
C GLU A 108 20.73 18.05 35.46
N GLU A 109 21.21 17.04 36.19
CA GLU A 109 22.53 16.41 35.90
C GLU A 109 22.54 15.88 34.46
N TYR A 110 21.40 15.37 33.99
CA TYR A 110 21.20 14.83 32.62
C TYR A 110 21.13 15.96 31.60
N GLU A 111 20.41 17.04 31.93
CA GLU A 111 20.46 18.31 31.17
C GLU A 111 21.93 18.70 30.96
N THR A 112 22.73 18.71 32.03
CA THR A 112 24.15 19.13 31.99
C THR A 112 24.93 18.18 31.09
N PHE A 113 24.83 16.87 31.34
CA PHE A 113 25.45 15.80 30.51
C PHE A 113 25.25 16.08 29.01
N LEU A 114 24.02 16.39 28.58
CA LEU A 114 23.65 16.52 27.14
C LEU A 114 24.32 17.75 26.50
N LYS A 115 24.51 18.83 27.26
CA LYS A 115 25.16 20.07 26.76
C LYS A 115 26.68 19.96 26.87
N ASN A 116 27.17 18.81 27.35
CA ASN A 116 28.61 18.53 27.62
C ASN A 116 29.06 19.49 28.71
N GLY A 117 28.11 19.98 29.50
CA GLY A 117 28.31 21.06 30.49
C GLY A 117 29.20 20.63 31.63
N LYS A 118 29.35 21.55 32.60
CA LYS A 118 30.22 21.40 33.79
C LYS A 118 29.58 20.42 34.77
N VAL A 119 29.90 19.13 34.66
CA VAL A 119 29.72 18.13 35.76
C VAL A 119 30.94 18.24 36.69
N ASP A 120 31.07 17.34 37.67
CA ASP A 120 32.21 17.34 38.62
C ASP A 120 33.46 16.79 37.92
N ASN A 121 34.63 17.16 38.45
CA ASN A 121 35.98 16.76 37.96
C ASN A 121 36.19 15.26 38.15
N SER A 122 36.91 14.64 37.21
CA SER A 122 37.18 13.18 37.17
C SER A 122 38.20 12.81 38.25
N ILE A 123 37.92 11.78 39.05
CA ILE A 123 38.89 11.26 40.06
C ILE A 123 39.86 10.31 39.35
N LEU A 124 39.42 9.73 38.23
CA LEU A 124 40.31 8.98 37.31
C LEU A 124 40.94 9.96 36.33
N LYS A 125 42.23 9.75 36.05
CA LYS A 125 43.06 10.66 35.24
C LYS A 125 42.62 10.60 33.77
N GLU A 126 42.38 11.75 33.17
CA GLU A 126 41.94 11.86 31.77
C GLU A 126 43.14 11.97 30.84
N VAL A 127 42.96 11.50 29.61
CA VAL A 127 43.88 11.76 28.48
C VAL A 127 43.30 12.92 27.69
N ASN A 128 44.04 13.44 26.72
CA ASN A 128 43.52 14.44 25.74
C ASN A 128 43.02 13.70 24.50
N VAL A 129 42.31 14.40 23.62
CA VAL A 129 41.60 13.83 22.43
C VAL A 129 42.57 13.02 21.56
N GLU A 130 43.81 13.50 21.35
CA GLU A 130 44.76 12.91 20.37
C GLU A 130 45.29 11.57 20.91
N ASN A 131 45.65 11.54 22.19
CA ASN A 131 46.14 10.32 22.90
C ASN A 131 45.01 9.30 22.93
N TYR A 132 43.79 9.75 23.23
CA TYR A 132 42.59 8.88 23.27
C TYR A 132 42.50 8.15 21.93
N LEU A 133 42.45 8.92 20.83
CA LEU A 133 42.32 8.40 19.44
C LEU A 133 43.47 7.42 19.10
N LEU A 134 44.70 7.77 19.44
CA LEU A 134 45.88 6.89 19.21
C LEU A 134 45.60 5.54 19.87
N GLU A 135 45.30 5.52 21.17
CA GLU A 135 45.11 4.29 21.99
C GLU A 135 43.85 3.53 21.58
N CYS A 136 42.79 4.24 21.18
CA CYS A 136 41.50 3.64 20.73
C CYS A 136 41.75 2.87 19.43
N ASN A 137 42.33 3.54 18.43
CA ASN A 137 42.75 2.93 17.13
C ASN A 137 43.66 1.71 17.37
N ASN A 138 44.61 1.76 18.32
CA ASN A 138 45.51 0.61 18.62
C ASN A 138 44.69 -0.61 19.05
N ILE A 139 43.73 -0.44 19.96
CA ILE A 139 42.92 -1.60 20.48
C ILE A 139 42.20 -2.26 19.29
N ILE A 140 41.63 -1.47 18.38
CA ILE A 140 40.77 -1.97 17.27
C ILE A 140 41.62 -2.75 16.27
N VAL A 141 42.67 -2.14 15.71
CA VAL A 141 43.52 -2.76 14.65
C VAL A 141 44.07 -4.08 15.22
N LYS A 142 44.44 -4.06 16.49
CA LYS A 142 44.91 -5.26 17.24
C LYS A 142 43.73 -6.23 17.42
N ASN A 143 42.51 -5.71 17.59
CA ASN A 143 41.30 -6.55 17.80
C ASN A 143 40.83 -7.12 16.45
N ASP A 144 41.09 -6.43 15.33
CA ASP A 144 40.68 -6.87 13.97
C ASP A 144 41.39 -8.19 13.61
N GLU A 145 42.72 -8.19 13.50
CA GLU A 145 43.49 -9.36 12.99
C GLU A 145 43.48 -10.48 14.04
N ILE A 146 43.24 -10.19 15.33
CA ILE A 146 42.94 -11.24 16.35
C ILE A 146 41.68 -11.99 15.91
N MET A 147 40.72 -11.27 15.34
CA MET A 147 39.36 -11.78 15.00
C MET A 147 39.38 -12.48 13.63
N LYS A 148 40.31 -12.09 12.75
CA LYS A 148 40.52 -12.71 11.41
C LYS A 148 40.94 -14.20 11.54
N ASN A 149 41.13 -14.71 12.77
CA ASN A 149 41.55 -16.12 13.04
C ASN A 149 40.33 -17.06 12.93
N SER A 161 25.48 -16.27 15.43
CA SER A 161 24.08 -15.92 15.80
C SER A 161 23.92 -14.39 15.88
N TYR A 162 22.67 -13.93 15.92
CA TYR A 162 22.28 -12.50 16.05
C TYR A 162 22.52 -12.01 17.49
N PHE A 163 22.78 -10.70 17.61
CA PHE A 163 22.88 -9.95 18.89
C PHE A 163 21.55 -9.26 19.22
N TYR A 164 21.24 -9.16 20.51
CA TYR A 164 20.12 -8.36 21.05
C TYR A 164 20.71 -7.25 21.93
N ASN A 165 20.51 -6.02 21.46
CA ASN A 165 21.17 -4.81 22.00
C ASN A 165 20.19 -3.82 22.58
N LEU A 166 20.63 -3.14 23.63
CA LEU A 166 19.86 -2.07 24.31
C LEU A 166 20.83 -1.06 24.93
N THR A 167 20.56 0.24 24.86
CA THR A 167 21.34 1.25 25.64
C THR A 167 20.45 1.88 26.71
N VAL A 168 21.04 2.23 27.84
CA VAL A 168 20.34 2.90 28.97
C VAL A 168 21.18 4.10 29.38
N VAL A 169 20.54 5.22 29.74
CA VAL A 169 21.19 6.28 30.55
C VAL A 169 20.85 6.04 32.02
N VAL A 170 21.86 6.09 32.87
CA VAL A 170 21.76 5.90 34.33
C VAL A 170 22.24 7.18 35.02
N LYS A 171 21.41 7.71 35.91
CA LYS A 171 21.82 8.68 36.93
C LYS A 171 22.33 7.84 38.08
N THR A 172 23.65 7.80 38.27
CA THR A 172 24.37 6.82 39.13
C THR A 172 24.95 7.51 40.36
N PHE A 173 24.88 6.84 41.51
CA PHE A 173 25.52 7.25 42.78
C PHE A 173 26.95 6.68 42.83
N VAL A 174 27.36 5.92 41.82
CA VAL A 174 28.74 5.35 41.78
C VAL A 174 29.69 6.48 41.42
N ASN A 175 30.84 6.57 42.10
CA ASN A 175 31.71 7.77 42.09
C ASN A 175 32.45 7.89 40.76
N ASP A 176 32.81 6.78 40.13
CA ASP A 176 33.70 6.80 38.95
C ASP A 176 33.45 5.58 38.07
N PRO A 177 33.81 5.70 36.77
CA PRO A 177 33.72 4.60 35.82
C PRO A 177 34.40 3.28 36.22
N LEU A 178 35.51 3.32 36.95
CA LEU A 178 36.20 2.04 37.27
C LEU A 178 35.38 1.35 38.35
N SER A 179 35.05 2.09 39.40
CA SER A 179 34.07 1.69 40.43
C SER A 179 32.84 1.10 39.73
N MET A 180 32.27 1.79 38.74
CA MET A 180 31.06 1.32 38.06
C MET A 180 31.38 0.07 37.24
N LEU A 181 32.56 -0.02 36.63
CA LEU A 181 32.89 -1.26 35.86
C LEU A 181 32.93 -2.45 36.82
N VAL A 182 33.47 -2.26 38.03
CA VAL A 182 33.60 -3.35 39.03
C VAL A 182 32.21 -3.85 39.43
N VAL A 183 31.27 -2.94 39.69
CA VAL A 183 29.85 -3.30 40.04
C VAL A 183 29.18 -3.99 38.84
N ILE A 184 29.44 -3.53 37.62
CA ILE A 184 28.84 -4.10 36.38
C ILE A 184 29.30 -5.55 36.19
N LYS A 185 30.58 -5.82 36.46
CA LYS A 185 31.20 -7.17 36.29
C LYS A 185 30.61 -8.11 37.33
N TYR A 186 30.27 -7.58 38.50
CA TYR A 186 29.58 -8.35 39.56
C TYR A 186 28.17 -8.71 39.05
N ILE A 187 27.47 -7.74 38.46
CA ILE A 187 26.13 -7.97 37.85
C ILE A 187 26.29 -9.06 36.80
N GLU A 188 27.30 -8.97 35.94
CA GLU A 188 27.50 -9.97 34.85
C GLU A 188 27.68 -11.37 35.46
N GLU A 189 28.39 -11.46 36.60
CA GLU A 189 28.72 -12.72 37.32
C GLU A 189 27.46 -13.31 37.98
N LEU A 190 26.68 -12.52 38.72
CA LEU A 190 25.39 -12.97 39.31
C LEU A 190 24.55 -13.67 38.24
N MET A 191 24.52 -13.10 37.03
CA MET A 191 23.67 -13.54 35.92
C MET A 191 24.27 -14.77 35.25
N LYS A 192 25.58 -15.01 35.46
CA LYS A 192 26.34 -16.27 35.21
C LYS A 192 27.00 -16.19 33.82
N ILE A 206 26.13 -14.62 27.50
CA ILE A 206 24.75 -14.49 28.04
C ILE A 206 24.39 -13.00 28.23
N ILE A 207 25.24 -12.24 28.93
CA ILE A 207 25.07 -10.77 29.09
C ILE A 207 26.43 -10.08 28.95
N ASP A 208 26.52 -9.09 28.08
CA ASP A 208 27.64 -8.11 28.03
C ASP A 208 27.07 -6.75 28.45
N ILE A 209 27.64 -6.10 29.47
CA ILE A 209 27.29 -4.70 29.88
C ILE A 209 28.56 -3.87 29.79
N ASP A 210 28.56 -2.85 28.93
CA ASP A 210 29.76 -1.98 28.74
C ASP A 210 29.40 -0.55 29.17
N ILE A 211 30.39 0.23 29.61
CA ILE A 211 30.22 1.69 29.86
C ILE A 211 30.63 2.43 28.59
N LEU A 212 29.72 3.13 27.96
CA LEU A 212 29.95 3.88 26.69
C LEU A 212 30.45 5.26 27.08
N PHE A 213 29.67 6.01 27.84
CA PHE A 213 30.05 7.34 28.38
C PHE A 213 29.93 7.33 29.89
N PHE A 214 30.71 8.19 30.54
CA PHE A 214 30.56 8.57 31.96
C PHE A 214 30.86 10.06 32.10
N ASN A 215 29.82 10.88 32.31
CA ASN A 215 30.00 12.35 32.35
C ASN A 215 30.65 12.77 31.04
N ASP A 216 31.41 13.88 31.02
CA ASP A 216 32.13 14.31 29.79
C ASP A 216 33.56 13.75 29.73
N PHE A 217 33.93 12.85 30.64
CA PHE A 217 35.31 12.34 30.82
C PHE A 217 35.84 11.68 29.54
N THR A 218 37.14 11.80 29.30
CA THR A 218 37.90 11.02 28.28
C THR A 218 39.03 10.30 29.01
N ILE A 219 38.99 8.97 29.03
CA ILE A 219 39.86 8.16 29.92
C ILE A 219 40.42 7.00 29.11
N PHE A 220 41.73 6.76 29.17
CA PHE A 220 42.38 5.53 28.65
C PHE A 220 43.44 5.07 29.65
N MET A 221 43.06 4.14 30.53
CA MET A 221 43.90 3.47 31.55
C MET A 221 44.22 2.06 31.07
N LYS A 222 45.52 1.74 31.00
CA LYS A 222 46.08 0.72 30.08
C LYS A 222 46.29 -0.64 30.75
N ASN A 223 46.80 -0.68 31.97
CA ASN A 223 47.20 -1.96 32.60
C ASN A 223 46.64 -2.00 34.01
N ILE A 224 45.31 -1.96 34.12
CA ILE A 224 44.64 -1.83 35.44
C ILE A 224 44.87 -3.17 36.14
N LYS A 225 45.35 -3.12 37.37
CA LYS A 225 45.28 -4.28 38.30
C LYS A 225 44.76 -3.77 39.64
N LEU A 226 43.57 -4.27 40.02
CA LEU A 226 42.92 -4.07 41.34
C LEU A 226 43.07 -5.37 42.11
N GLU A 227 43.54 -5.30 43.35
CA GLU A 227 43.64 -6.48 44.24
C GLU A 227 42.22 -6.91 44.63
N LYS A 228 42.03 -8.19 44.96
CA LYS A 228 40.72 -8.79 45.32
C LYS A 228 40.09 -8.02 46.50
N ASN A 229 40.92 -7.57 47.44
CA ASN A 229 40.48 -6.81 48.64
C ASN A 229 39.93 -5.47 48.18
N MET A 230 40.54 -4.85 47.17
CA MET A 230 40.12 -3.55 46.59
C MET A 230 38.75 -3.70 45.92
N ILE A 231 38.54 -4.81 45.20
CA ILE A 231 37.25 -5.12 44.55
C ILE A 231 36.19 -5.28 45.63
N TYR A 232 36.43 -6.12 46.64
CA TYR A 232 35.51 -6.30 47.78
C TYR A 232 35.18 -4.92 48.39
N LYS A 233 36.18 -4.07 48.60
CA LYS A 233 35.97 -2.76 49.26
C LYS A 233 35.05 -1.89 48.40
N ILE A 234 35.18 -1.98 47.07
CA ILE A 234 34.37 -1.15 46.12
C ILE A 234 32.93 -1.69 46.11
N LEU A 235 32.75 -3.01 45.98
CA LEU A 235 31.42 -3.66 46.07
C LEU A 235 30.71 -3.30 47.39
N SER A 236 31.44 -3.34 48.52
CA SER A 236 30.89 -3.12 49.88
C SER A 236 30.36 -1.69 49.99
N LYS A 237 30.98 -0.76 49.28
CA LYS A 237 30.57 0.67 49.36
C LYS A 237 29.15 0.79 48.81
N TYR A 238 28.80 0.00 47.80
CA TYR A 238 27.52 0.09 47.05
C TYR A 238 26.56 -1.05 47.45
N ILE A 239 27.05 -2.12 48.09
CA ILE A 239 26.23 -3.34 48.34
C ILE A 239 26.48 -3.90 49.74
N HIS A 240 25.41 -4.35 50.39
CA HIS A 240 25.42 -5.16 51.64
C HIS A 240 25.76 -6.59 51.23
N LEU A 241 27.04 -6.92 51.15
CA LEU A 241 27.52 -8.25 50.68
C LEU A 241 27.27 -9.31 51.76
N GLU A 242 26.87 -10.52 51.33
CA GLU A 242 26.56 -11.70 52.18
C GLU A 242 27.39 -12.90 51.68
N ASP A 301 26.90 -16.55 46.64
CA ASP A 301 28.22 -17.08 47.07
C ASP A 301 29.34 -16.15 46.61
N PRO A 302 29.34 -14.84 47.00
CA PRO A 302 30.26 -13.86 46.41
C PRO A 302 31.72 -14.01 46.88
N GLN A 303 32.37 -15.12 46.52
CA GLN A 303 33.76 -15.48 46.91
C GLN A 303 34.60 -15.66 45.65
N GLU A 304 34.25 -16.64 44.81
CA GLU A 304 34.92 -16.99 43.52
C GLU A 304 34.64 -15.90 42.49
N ILE A 305 33.65 -15.05 42.76
CA ILE A 305 33.21 -13.93 41.87
C ILE A 305 34.33 -12.89 41.83
N ILE A 306 34.85 -12.50 43.01
CA ILE A 306 36.00 -11.55 43.14
C ILE A 306 37.23 -12.19 42.49
N ASN A 307 37.37 -13.51 42.59
CA ASN A 307 38.46 -14.28 41.92
C ASN A 307 38.45 -13.93 40.43
N ASN A 308 37.29 -14.14 39.78
CA ASN A 308 37.03 -13.90 38.33
C ASN A 308 37.40 -12.48 37.94
N MET A 309 36.91 -11.49 38.69
CA MET A 309 36.87 -10.06 38.29
C MET A 309 38.29 -9.48 38.18
N VAL A 310 39.26 -9.96 38.97
CA VAL A 310 40.66 -9.42 39.01
C VAL A 310 41.31 -9.60 37.63
N ASP A 311 41.19 -10.81 37.07
CA ASP A 311 41.73 -11.13 35.72
C ASP A 311 41.03 -10.23 34.68
N ASN A 312 39.72 -10.01 34.84
CA ASN A 312 38.79 -9.55 33.78
C ASN A 312 38.93 -8.05 33.52
N ILE A 313 39.10 -7.22 34.56
CA ILE A 313 39.26 -5.75 34.34
C ILE A 313 40.73 -5.48 33.98
N GLU A 314 41.00 -5.28 32.68
CA GLU A 314 42.35 -5.27 32.09
C GLU A 314 42.75 -3.83 31.75
N PHE A 315 41.82 -3.06 31.14
CA PHE A 315 41.97 -1.60 30.88
C PHE A 315 40.60 -0.91 30.96
N LEU A 316 40.56 0.41 30.84
CA LEU A 316 39.28 1.16 30.91
C LEU A 316 39.30 2.30 29.90
N SER A 317 38.51 2.18 28.85
CA SER A 317 38.29 3.22 27.81
C SER A 317 36.96 3.92 28.07
N ILE A 318 36.96 5.24 28.16
CA ILE A 318 35.73 6.09 28.16
C ILE A 318 35.98 7.21 27.17
N PRO A 319 35.18 7.42 26.10
CA PRO A 319 34.18 6.47 25.63
C PRO A 319 34.68 5.05 25.38
N HIS A 320 33.75 4.10 25.30
CA HIS A 320 34.04 2.74 24.80
C HIS A 320 34.71 2.84 23.44
N VAL A 321 35.61 1.91 23.16
CA VAL A 321 36.42 1.92 21.92
C VAL A 321 35.47 1.81 20.73
N TYR A 322 34.48 0.94 20.84
CA TYR A 322 33.61 0.54 19.71
C TYR A 322 32.42 1.49 19.58
N THR A 323 32.23 2.41 20.54
CA THR A 323 31.13 3.41 20.53
C THR A 323 30.91 3.86 19.08
N THR A 324 32.00 4.22 18.42
CA THR A 324 32.02 5.03 17.18
C THR A 324 32.11 4.09 15.97
N HIS A 325 32.35 2.79 16.21
CA HIS A 325 32.71 1.79 15.17
C HIS A 325 31.61 0.73 14.95
N ARG A 326 30.75 0.47 15.95
CA ARG A 326 29.62 -0.47 15.80
C ARG A 326 28.35 0.28 15.43
N TYR A 327 27.71 -0.14 14.35
CA TYR A 327 26.38 0.34 13.92
C TYR A 327 25.40 0.13 15.08
N SER A 328 25.43 -1.05 15.69
CA SER A 328 24.48 -1.51 16.73
C SER A 328 24.50 -0.52 17.91
N ILE A 329 25.67 0.02 18.24
CA ILE A 329 25.80 1.00 19.35
C ILE A 329 25.24 2.34 18.89
N LEU A 330 25.58 2.85 17.70
CA LEU A 330 25.07 4.19 17.28
C LEU A 330 23.56 4.11 17.09
N LEU A 331 23.05 2.98 16.58
CA LEU A 331 21.62 2.70 16.36
C LEU A 331 20.86 2.97 17.67
N CYS A 332 21.35 2.42 18.76
CA CYS A 332 20.73 2.56 20.11
C CYS A 332 20.89 4.01 20.58
N LEU A 333 22.09 4.56 20.53
CA LEU A 333 22.36 5.91 21.08
C LEU A 333 21.50 6.92 20.35
N ASN A 334 21.20 6.68 19.09
CA ASN A 334 20.41 7.61 18.23
C ASN A 334 18.99 7.77 18.79
N ASP A 335 18.43 6.73 19.42
CA ASP A 335 17.08 6.78 20.01
C ASP A 335 17.10 7.70 21.23
N MET A 336 18.19 7.71 22.00
CA MET A 336 18.23 8.33 23.35
C MET A 336 18.76 9.76 23.25
N ILE A 337 19.94 9.94 22.68
CA ILE A 337 20.79 11.14 22.88
C ILE A 337 21.36 11.56 21.53
N PRO A 338 20.51 11.76 20.50
CA PRO A 338 20.98 12.05 19.15
C PRO A 338 21.79 13.35 18.99
N GLU A 339 21.48 14.37 19.80
CA GLU A 339 22.15 15.69 19.73
C GLU A 339 23.44 15.69 20.57
N TYR A 340 23.74 14.62 21.31
CA TYR A 340 24.94 14.56 22.17
C TYR A 340 26.23 14.65 21.34
N LYS A 341 27.16 15.51 21.77
CA LYS A 341 28.53 15.57 21.19
C LYS A 341 29.57 15.45 22.30
N HIS A 342 30.22 14.30 22.43
CA HIS A 342 31.45 14.08 23.25
C HIS A 342 32.64 14.72 22.55
N ASN A 343 33.63 15.21 23.30
CA ASN A 343 34.79 16.01 22.79
C ASN A 343 35.64 15.17 21.83
N VAL A 344 35.56 13.85 21.94
CA VAL A 344 36.37 12.82 21.21
C VAL A 344 35.63 12.36 19.94
N LEU A 345 34.45 12.92 19.63
CA LEU A 345 33.62 12.48 18.47
C LEU A 345 33.61 13.57 17.39
N ASN A 346 33.72 13.18 16.12
CA ASN A 346 33.77 14.14 14.99
C ASN A 346 32.45 14.89 14.88
N ASN A 347 31.38 14.42 15.54
CA ASN A 347 30.05 15.03 15.35
C ASN A 347 29.06 14.55 16.40
N THR A 348 27.84 15.09 16.34
CA THR A 348 26.68 14.65 17.18
C THR A 348 26.40 13.19 16.85
N ILE A 349 25.81 12.46 17.79
CA ILE A 349 25.50 11.02 17.58
C ILE A 349 24.58 10.85 16.36
N ARG A 350 23.63 11.76 16.12
CA ARG A 350 22.71 11.59 14.97
C ARG A 350 23.51 11.73 13.68
N CYS A 351 24.36 12.74 13.55
CA CYS A 351 25.21 12.91 12.33
C CYS A 351 26.09 11.66 12.18
N LEU A 352 26.72 11.18 13.26
CA LEU A 352 27.55 9.95 13.19
C LEU A 352 26.69 8.80 12.68
N TYR A 353 25.47 8.69 13.21
CA TYR A 353 24.55 7.58 12.83
C TYR A 353 24.23 7.70 11.34
N ASN A 354 23.85 8.89 10.87
CA ASN A 354 23.43 9.12 9.46
C ASN A 354 24.59 8.84 8.51
N LYS A 355 25.78 9.37 8.79
CA LYS A 355 27.00 9.11 7.99
C LYS A 355 27.19 7.61 7.86
N TYR A 356 27.15 6.87 8.97
CA TYR A 356 27.35 5.40 8.96
C TYR A 356 26.34 4.76 8.00
N VAL A 357 25.06 5.14 8.09
CA VAL A 357 23.99 4.53 7.24
C VAL A 357 24.33 4.82 5.78
N SER A 358 24.69 6.07 5.48
CA SER A 358 25.03 6.57 4.12
C SER A 358 26.25 5.81 3.57
N ARG A 359 27.38 5.88 4.28
CA ARG A 359 28.65 5.23 3.88
C ARG A 359 28.38 3.78 3.45
N MET A 360 27.52 3.05 4.15
CA MET A 360 27.25 1.63 3.80
C MET A 360 26.53 1.54 2.45
N LYS A 361 25.64 2.49 2.15
CA LYS A 361 24.90 2.56 0.86
C LYS A 361 25.89 2.83 -0.27
N GLU A 362 26.61 3.96 -0.21
CA GLU A 362 27.49 4.51 -1.27
C GLU A 362 28.76 3.65 -1.42
N GLN A 363 29.36 3.20 -0.32
CA GLN A 363 30.67 2.49 -0.29
C GLN A 363 30.49 0.98 -0.54
N TYR A 364 29.39 0.36 -0.09
CA TYR A 364 29.19 -1.11 -0.19
C TYR A 364 27.83 -1.51 -0.77
N ASN A 365 26.90 -0.56 -0.97
CA ASN A 365 25.54 -0.87 -1.46
C ASN A 365 24.84 -1.82 -0.48
N ILE A 366 24.86 -1.53 0.83
CA ILE A 366 24.38 -2.48 1.88
C ILE A 366 22.92 -2.18 2.25
N ASN A 367 22.57 -0.93 2.58
CA ASN A 367 21.25 -0.58 3.20
C ASN A 367 21.12 -1.35 4.53
N ILE A 368 21.79 -0.83 5.56
CA ILE A 368 22.18 -1.56 6.81
C ILE A 368 20.99 -1.78 7.75
N LYS A 369 19.86 -1.09 7.54
CA LYS A 369 18.65 -1.18 8.40
C LYS A 369 18.00 -2.55 8.24
N GLU A 370 18.04 -3.11 7.02
CA GLU A 370 17.37 -4.37 6.59
C GLU A 370 17.63 -5.53 7.57
N ASN A 371 18.85 -5.67 8.10
CA ASN A 371 19.25 -6.82 8.97
C ASN A 371 19.54 -6.37 10.42
N ASN A 372 19.37 -5.08 10.74
CA ASN A 372 19.41 -4.61 12.15
C ASN A 372 18.02 -4.09 12.50
N LYS A 373 17.20 -4.92 13.15
CA LYS A 373 15.73 -4.70 13.28
C LYS A 373 15.34 -4.16 14.66
N ARG A 374 14.52 -3.11 14.63
CA ARG A 374 13.92 -2.52 15.84
C ARG A 374 12.82 -3.46 16.38
N ILE A 375 12.85 -3.67 17.69
CA ILE A 375 11.94 -4.55 18.45
C ILE A 375 11.13 -3.76 19.47
N TYR A 376 9.83 -4.03 19.56
CA TYR A 376 8.95 -3.62 20.69
C TYR A 376 8.54 -4.90 21.44
N VAL A 377 8.14 -4.79 22.70
CA VAL A 377 7.74 -5.97 23.52
C VAL A 377 6.34 -5.73 24.08
N LEU A 378 5.38 -6.57 23.72
CA LEU A 378 3.99 -6.49 24.19
C LEU A 378 3.91 -7.15 25.56
N LYS A 379 4.63 -8.23 25.76
CA LYS A 379 4.55 -8.98 27.04
C LYS A 379 5.93 -9.50 27.43
N ASP A 380 6.36 -10.65 26.91
CA ASP A 380 7.63 -11.29 27.36
C ASP A 380 8.42 -11.81 26.15
N ARG A 381 7.98 -11.48 24.94
CA ARG A 381 8.53 -11.99 23.67
C ARG A 381 8.83 -10.81 22.75
N ILE A 382 9.83 -10.98 21.90
CA ILE A 382 10.24 -10.04 20.81
C ILE A 382 9.13 -9.95 19.78
N SER A 383 8.77 -8.75 19.36
CA SER A 383 8.04 -8.47 18.11
C SER A 383 8.95 -7.59 17.26
N TYR A 384 9.09 -7.89 15.97
CA TYR A 384 9.83 -7.03 15.01
C TYR A 384 8.91 -5.88 14.60
N LEU A 385 9.34 -4.64 14.85
CA LEU A 385 8.53 -3.45 14.52
C LEU A 385 8.16 -3.50 13.05
N LYS A 386 6.85 -3.35 12.78
CA LYS A 386 6.25 -3.24 11.42
C LYS A 386 6.22 -4.58 10.68
N GLU A 387 6.48 -5.73 11.30
CA GLU A 387 6.49 -7.03 10.57
C GLU A 387 5.14 -7.73 10.66
N LYS A 388 4.18 -7.21 11.41
CA LYS A 388 2.92 -7.92 11.73
C LYS A 388 1.87 -6.91 12.23
N THR A 389 0.67 -6.96 11.67
CA THR A 389 -0.53 -6.27 12.19
C THR A 389 -1.31 -7.22 13.09
N ASN A 390 -1.10 -7.12 14.41
CA ASN A 390 -1.80 -7.94 15.42
C ASN A 390 -3.19 -7.38 15.61
N ILE A 391 -4.16 -8.25 15.89
CA ILE A 391 -5.57 -7.87 16.16
C ILE A 391 -5.73 -7.82 17.67
N VAL A 392 -6.26 -6.70 18.15
CA VAL A 392 -6.64 -6.52 19.57
C VAL A 392 -8.17 -6.60 19.62
N GLY A 393 -8.69 -7.66 20.22
CA GLY A 393 -10.14 -7.90 20.37
C GLY A 393 -10.71 -7.14 21.56
N ILE A 394 -11.76 -6.36 21.30
CA ILE A 394 -12.40 -5.45 22.29
C ILE A 394 -13.35 -6.26 23.17
N LEU A 395 -13.19 -6.20 24.49
CA LEU A 395 -14.18 -6.77 25.45
C LEU A 395 -14.68 -5.62 26.33
N ASN A 396 -15.81 -5.01 25.94
CA ASN A 396 -16.54 -4.03 26.77
C ASN A 396 -17.37 -4.82 27.79
N VAL A 397 -16.97 -4.84 29.06
CA VAL A 397 -17.84 -5.31 30.17
C VAL A 397 -18.68 -4.10 30.59
N ASN A 398 -19.15 -3.32 29.61
CA ASN A 398 -19.88 -2.04 29.81
C ASN A 398 -18.99 -1.09 30.63
N GLY A 406 -27.89 -3.64 27.57
CA GLY A 406 -27.60 -2.29 28.09
C GLY A 406 -26.54 -2.32 29.19
N ILE A 407 -26.74 -3.17 30.21
CA ILE A 407 -25.82 -3.32 31.39
C ILE A 407 -25.85 -4.78 31.89
N PHE A 408 -25.09 -5.08 32.97
CA PHE A 408 -25.10 -6.34 33.77
C PHE A 408 -24.39 -7.50 33.02
N VAL A 409 -23.40 -7.23 32.17
CA VAL A 409 -22.65 -8.29 31.42
C VAL A 409 -22.07 -9.28 32.44
N GLU A 410 -22.63 -10.49 32.49
CA GLU A 410 -22.30 -11.54 33.49
C GLU A 410 -20.90 -12.06 33.16
N PRO A 411 -20.08 -12.42 34.17
CA PRO A 411 -18.68 -12.79 33.93
C PRO A 411 -18.53 -14.02 33.01
N LYS A 412 -19.40 -15.01 33.15
CA LYS A 412 -19.31 -16.30 32.40
C LYS A 412 -19.44 -16.00 30.90
N ARG A 413 -20.43 -15.20 30.52
CA ARG A 413 -20.72 -14.75 29.14
C ARG A 413 -19.48 -14.05 28.56
N ALA A 414 -18.98 -13.03 29.27
CA ALA A 414 -17.78 -12.23 28.90
C ALA A 414 -16.57 -13.16 28.71
N VAL A 415 -16.31 -14.10 29.62
CA VAL A 415 -15.12 -15.00 29.52
C VAL A 415 -15.27 -15.86 28.26
N GLN A 416 -16.47 -16.27 27.88
CA GLN A 416 -16.67 -17.13 26.70
C GLN A 416 -16.54 -16.28 25.42
N ARG A 417 -16.92 -14.99 25.47
CA ARG A 417 -16.55 -14.01 24.41
C ARG A 417 -15.02 -13.93 24.27
N MET A 418 -14.29 -13.92 25.38
CA MET A 418 -12.80 -13.88 25.34
C MET A 418 -12.29 -15.11 24.59
N PHE A 419 -12.80 -16.29 24.94
CA PHE A 419 -12.41 -17.58 24.29
C PHE A 419 -12.85 -17.58 22.82
N GLU A 420 -14.03 -17.04 22.53
CA GLU A 420 -14.50 -16.88 21.14
C GLU A 420 -13.42 -16.13 20.37
N MET A 421 -13.04 -14.93 20.86
CA MET A 421 -12.14 -13.97 20.16
C MET A 421 -10.77 -14.61 19.91
N ILE A 422 -10.30 -15.40 20.88
CA ILE A 422 -9.03 -16.18 20.76
C ILE A 422 -9.13 -17.10 19.53
N ASN A 423 -10.22 -17.87 19.46
CA ASN A 423 -10.49 -18.83 18.36
C ASN A 423 -10.63 -18.05 17.03
N GLU A 424 -11.20 -16.85 17.05
CA GLU A 424 -11.34 -16.03 15.82
C GLU A 424 -9.99 -15.40 15.43
N GLY A 425 -8.95 -15.54 16.26
CA GLY A 425 -7.56 -15.16 15.88
C GLY A 425 -7.02 -13.90 16.55
N ALA A 426 -7.72 -13.30 17.52
CA ALA A 426 -7.20 -12.14 18.28
C ALA A 426 -5.95 -12.58 19.05
N SER A 427 -4.81 -11.90 18.89
CA SER A 427 -3.58 -12.20 19.66
C SER A 427 -3.55 -11.39 20.97
N VAL A 428 -4.32 -10.31 21.05
CA VAL A 428 -4.45 -9.45 22.26
C VAL A 428 -5.95 -9.26 22.53
N ILE A 429 -6.34 -9.26 23.81
CA ILE A 429 -7.72 -8.97 24.27
C ILE A 429 -7.67 -7.67 25.09
N ASP A 430 -8.44 -6.67 24.72
CA ASP A 430 -8.51 -5.38 25.42
C ASP A 430 -9.84 -5.29 26.18
N ILE A 431 -9.80 -5.44 27.51
CA ILE A 431 -11.02 -5.44 28.37
C ILE A 431 -11.16 -4.06 29.04
N GLY A 432 -12.39 -3.56 29.14
CA GLY A 432 -12.69 -2.28 29.81
C GLY A 432 -14.10 -2.20 30.38
N GLY A 433 -14.24 -1.58 31.55
CA GLY A 433 -15.53 -1.36 32.24
C GLY A 433 -15.97 0.10 32.19
N GLU A 434 -15.19 0.97 31.54
CA GLU A 434 -15.56 2.39 31.28
C GLU A 434 -16.22 2.48 29.90
N SER A 435 -16.95 3.57 29.64
CA SER A 435 -17.49 3.90 28.29
C SER A 435 -16.97 5.27 27.87
N SER A 436 -16.47 5.35 26.62
CA SER A 436 -15.74 6.52 26.06
C SER A 436 -16.51 7.13 24.89
N ALA A 437 -17.72 6.62 24.59
CA ALA A 437 -18.63 7.15 23.54
C ALA A 437 -18.95 8.61 23.85
N PRO A 438 -19.11 9.48 22.83
CA PRO A 438 -19.48 10.88 23.08
C PRO A 438 -20.90 10.94 23.67
N PHE A 439 -21.07 11.70 24.75
CA PHE A 439 -22.39 12.05 25.36
C PHE A 439 -23.07 10.79 25.91
N VAL A 440 -22.46 10.20 26.93
CA VAL A 440 -22.95 9.01 27.70
C VAL A 440 -22.32 9.05 29.09
N ILE A 441 -22.94 8.38 30.07
CA ILE A 441 -22.34 8.16 31.42
C ILE A 441 -22.43 6.68 31.79
N PRO A 442 -21.51 6.15 32.63
CA PRO A 442 -21.47 4.72 32.98
C PRO A 442 -22.72 4.17 33.70
N ASN A 443 -22.72 2.86 33.92
CA ASN A 443 -23.81 2.06 34.56
C ASN A 443 -24.23 2.71 35.89
N PRO A 444 -25.44 2.42 36.42
CA PRO A 444 -25.96 3.13 37.59
C PRO A 444 -25.03 3.10 38.83
N LYS A 445 -24.92 1.95 39.48
CA LYS A 445 -24.18 1.78 40.77
C LYS A 445 -22.78 1.22 40.50
N ILE A 446 -22.70 0.04 39.85
CA ILE A 446 -21.54 -0.90 39.94
C ILE A 446 -20.22 -0.23 39.50
N SER A 447 -19.14 -0.48 40.24
CA SER A 447 -17.79 0.13 40.08
C SER A 447 -17.03 -0.49 38.90
N GLU A 448 -16.09 0.26 38.30
CA GLU A 448 -15.19 -0.25 37.24
C GLU A 448 -14.59 -1.59 37.66
N ARG A 449 -13.98 -1.64 38.85
CA ARG A 449 -13.29 -2.87 39.31
C ARG A 449 -14.28 -4.04 39.30
N ASP A 450 -15.57 -3.79 39.60
CA ASP A 450 -16.56 -4.87 39.83
C ASP A 450 -16.91 -5.49 38.48
N LEU A 451 -16.88 -4.68 37.41
CA LEU A 451 -17.06 -5.17 36.02
C LEU A 451 -15.85 -5.98 35.53
N VAL A 452 -14.61 -5.53 35.71
CA VAL A 452 -13.47 -6.13 34.95
C VAL A 452 -12.74 -7.19 35.79
N VAL A 453 -12.50 -6.96 37.07
CA VAL A 453 -11.65 -7.89 37.87
C VAL A 453 -12.30 -9.28 37.89
N PRO A 454 -13.62 -9.42 38.16
CA PRO A 454 -14.24 -10.74 38.24
C PRO A 454 -14.10 -11.51 36.90
N VAL A 455 -14.38 -10.81 35.81
CA VAL A 455 -14.20 -11.36 34.43
C VAL A 455 -12.78 -11.88 34.26
N LEU A 456 -11.80 -11.06 34.60
CA LEU A 456 -10.38 -11.40 34.39
C LEU A 456 -10.00 -12.59 35.26
N GLN A 457 -10.49 -12.61 36.51
CA GLN A 457 -10.16 -13.66 37.52
C GLN A 457 -10.72 -14.99 37.03
N LEU A 458 -11.95 -14.97 36.49
CA LEU A 458 -12.61 -16.17 35.90
C LEU A 458 -11.81 -16.64 34.68
N PHE A 459 -11.60 -15.75 33.71
CA PHE A 459 -10.79 -16.04 32.50
C PHE A 459 -9.48 -16.74 32.89
N GLN A 460 -8.79 -16.17 33.88
CA GLN A 460 -7.46 -16.68 34.32
C GLN A 460 -7.63 -18.10 34.87
N LYS A 461 -8.74 -18.38 35.58
CA LYS A 461 -9.01 -19.73 36.17
C LYS A 461 -9.31 -20.72 35.05
N GLU A 462 -10.22 -20.33 34.15
CA GLU A 462 -10.73 -21.15 33.03
C GLU A 462 -9.59 -21.45 32.05
N TRP A 463 -8.71 -20.50 31.78
CA TRP A 463 -7.48 -20.74 30.95
C TRP A 463 -6.55 -21.72 31.67
N ASN A 464 -6.54 -21.71 33.01
CA ASN A 464 -5.65 -22.57 33.84
C ASN A 464 -6.16 -24.02 33.80
N ASP A 465 -7.45 -24.22 33.52
CA ASP A 465 -8.02 -25.55 33.17
C ASP A 465 -7.56 -25.88 31.75
N ILE A 466 -6.28 -25.64 31.45
CA ILE A 466 -5.73 -25.44 30.07
C ILE A 466 -6.38 -26.44 29.11
N ILE A 470 -5.16 -28.68 24.77
CA ILE A 470 -4.53 -28.64 26.13
C ILE A 470 -3.00 -28.51 25.95
N VAL A 471 -2.31 -28.10 27.03
CA VAL A 471 -0.90 -27.63 27.13
C VAL A 471 -0.50 -26.91 25.82
N LYS A 472 -0.99 -25.68 25.68
CA LYS A 472 -0.46 -24.62 24.80
C LYS A 472 -0.09 -23.43 25.70
N CYS A 473 1.19 -23.34 26.08
CA CYS A 473 1.76 -22.32 27.00
C CYS A 473 2.11 -21.04 26.22
N ASP A 474 2.00 -21.04 24.89
CA ASP A 474 2.26 -19.86 24.01
C ASP A 474 1.16 -19.73 22.94
N ALA A 475 -0.07 -20.18 23.23
CA ALA A 475 -1.32 -19.82 22.51
C ALA A 475 -2.17 -18.90 23.39
N LYS A 476 -1.59 -18.40 24.48
CA LYS A 476 -2.34 -17.54 25.43
C LYS A 476 -2.32 -16.11 24.90
N PRO A 477 -3.48 -15.44 24.88
CA PRO A 477 -3.53 -14.08 24.36
C PRO A 477 -2.93 -13.16 25.43
N ILE A 478 -2.37 -12.04 24.98
CA ILE A 478 -1.90 -10.96 25.87
C ILE A 478 -3.14 -10.19 26.30
N ILE A 479 -3.23 -9.87 27.60
CA ILE A 479 -4.40 -9.17 28.19
C ILE A 479 -4.07 -7.68 28.36
N SER A 480 -4.90 -6.85 27.77
CA SER A 480 -4.82 -5.37 27.87
C SER A 480 -6.07 -4.88 28.62
N ILE A 481 -5.87 -3.98 29.59
CA ILE A 481 -6.97 -3.35 30.34
C ILE A 481 -7.03 -1.86 29.99
N ASP A 482 -8.19 -1.43 29.51
CA ASP A 482 -8.53 -0.06 29.12
C ASP A 482 -8.99 0.66 30.38
N THR A 483 -8.06 1.21 31.15
CA THR A 483 -8.34 1.97 32.39
C THR A 483 -7.35 3.11 32.54
N ILE A 484 -7.82 4.22 33.11
CA ILE A 484 -6.98 5.39 33.53
C ILE A 484 -6.95 5.44 35.08
N ASN A 485 -7.54 4.46 35.76
CA ASN A 485 -7.71 4.49 37.24
C ASN A 485 -6.70 3.52 37.91
N TYR A 486 -5.81 4.08 38.72
CA TYR A 486 -4.74 3.41 39.51
C TYR A 486 -5.28 2.19 40.27
N ASN A 487 -6.42 2.31 40.94
CA ASN A 487 -6.87 1.26 41.90
C ASN A 487 -7.18 -0.04 41.13
N VAL A 488 -7.80 0.10 39.96
CA VAL A 488 -8.21 -1.05 39.11
C VAL A 488 -6.94 -1.74 38.61
N PHE A 489 -6.04 -0.95 38.02
CA PHE A 489 -4.80 -1.51 37.44
C PHE A 489 -3.95 -2.12 38.55
N LYS A 490 -3.88 -1.46 39.69
CA LYS A 490 -3.13 -1.98 40.85
C LYS A 490 -3.63 -3.39 41.15
N GLU A 491 -4.94 -3.58 41.26
CA GLU A 491 -5.51 -4.90 41.64
C GLU A 491 -5.27 -5.92 40.54
N CYS A 492 -5.42 -5.54 39.27
CA CYS A 492 -5.19 -6.42 38.11
C CYS A 492 -3.74 -6.93 38.13
N VAL A 493 -2.82 -6.05 38.44
CA VAL A 493 -1.39 -6.37 38.23
C VAL A 493 -0.89 -7.23 39.40
N ASP A 494 -1.32 -6.93 40.63
CA ASP A 494 -0.99 -7.70 41.85
C ASP A 494 -1.50 -9.14 41.72
N ASN A 495 -2.58 -9.35 40.97
CA ASN A 495 -3.25 -10.66 40.86
C ASN A 495 -2.91 -11.30 39.51
N ASP A 496 -1.77 -10.93 38.91
CA ASP A 496 -1.27 -11.42 37.60
C ASP A 496 -2.42 -11.58 36.59
N LEU A 497 -3.30 -10.58 36.44
CA LEU A 497 -4.51 -10.67 35.59
C LEU A 497 -4.30 -9.97 34.24
N VAL A 498 -3.29 -9.07 34.11
CA VAL A 498 -3.09 -8.28 32.84
C VAL A 498 -1.61 -8.19 32.48
N ASP A 499 -1.32 -8.02 31.19
CA ASP A 499 0.04 -7.75 30.66
C ASP A 499 0.25 -6.26 30.34
N ILE A 500 -0.77 -5.57 29.80
CA ILE A 500 -0.64 -4.22 29.18
C ILE A 500 -1.62 -3.26 29.83
N LEU A 501 -1.16 -2.03 30.13
CA LEU A 501 -2.02 -0.89 30.49
C LEU A 501 -2.42 -0.16 29.21
N ASN A 502 -3.70 -0.07 28.93
CA ASN A 502 -4.23 0.80 27.85
C ASN A 502 -4.81 2.05 28.50
N ASP A 503 -4.00 3.11 28.61
CA ASP A 503 -4.36 4.38 29.29
C ASP A 503 -4.73 5.40 28.22
N ILE A 504 -6.01 5.73 28.09
CA ILE A 504 -6.47 6.63 26.99
C ILE A 504 -6.16 8.08 27.37
N SER A 505 -5.66 8.33 28.58
CA SER A 505 -5.17 9.66 29.03
C SER A 505 -3.64 9.77 28.81
N ALA A 506 -2.97 8.74 28.30
CA ALA A 506 -1.49 8.66 28.22
C ALA A 506 -0.83 8.92 29.59
N CYS A 507 -1.40 8.37 30.67
CA CYS A 507 -0.84 8.35 32.05
C CYS A 507 -0.88 9.76 32.64
N THR A 508 -1.76 10.59 32.12
CA THR A 508 -1.86 12.05 32.41
C THR A 508 -2.81 12.21 33.61
N ASN A 509 -3.85 11.38 33.64
CA ASN A 509 -4.91 11.47 34.64
C ASN A 509 -4.32 11.25 36.04
N ASN A 510 -3.51 10.20 36.18
CA ASN A 510 -2.78 9.88 37.42
C ASN A 510 -1.48 9.26 37.01
N PRO A 511 -0.40 10.06 36.85
CA PRO A 511 0.91 9.54 36.46
C PRO A 511 1.51 8.58 37.48
N GLU A 512 0.85 8.42 38.63
CA GLU A 512 1.26 7.47 39.67
C GLU A 512 1.16 6.06 39.08
N ILE A 513 0.24 5.85 38.15
CA ILE A 513 0.03 4.52 37.49
C ILE A 513 1.34 4.05 36.85
N ILE A 514 2.22 4.98 36.46
CA ILE A 514 3.55 4.69 35.86
C ILE A 514 4.34 3.83 36.84
N LYS A 515 4.19 4.02 38.14
CA LYS A 515 4.92 3.22 39.15
C LYS A 515 4.51 1.74 39.07
N LEU A 516 3.26 1.47 38.68
CA LEU A 516 2.68 0.10 38.62
C LEU A 516 3.19 -0.63 37.37
N LEU A 517 3.80 0.09 36.43
CA LEU A 517 4.38 -0.48 35.19
C LEU A 517 5.71 -1.20 35.49
N LYS A 518 6.37 -0.86 36.60
CA LYS A 518 7.64 -1.48 37.08
C LYS A 518 7.31 -2.25 38.36
N LYS A 519 7.26 -3.57 38.26
CA LYS A 519 7.38 -4.53 39.39
C LYS A 519 8.87 -4.85 39.54
N LYS A 520 9.25 -5.48 40.62
CA LYS A 520 10.67 -5.67 41.04
C LYS A 520 11.47 -6.24 39.87
N ASN A 521 11.01 -7.32 39.25
CA ASN A 521 11.68 -8.02 38.13
C ASN A 521 10.84 -7.90 36.84
N LYS A 522 9.56 -7.56 36.94
CA LYS A 522 8.67 -7.47 35.75
C LYS A 522 8.63 -6.02 35.27
N PHE A 523 8.46 -5.84 33.96
CA PHE A 523 8.03 -4.58 33.30
C PHE A 523 6.69 -4.83 32.58
N TYR A 524 5.73 -3.91 32.69
CA TYR A 524 4.46 -3.95 31.90
C TYR A 524 4.56 -2.96 30.74
N SER A 525 4.05 -3.35 29.58
CA SER A 525 3.94 -2.47 28.40
C SER A 525 2.69 -1.58 28.57
N VAL A 526 2.60 -0.51 27.79
CA VAL A 526 1.58 0.54 28.01
C VAL A 526 1.24 1.20 26.67
N VAL A 527 -0.05 1.43 26.38
CA VAL A 527 -0.52 2.19 25.21
C VAL A 527 -0.80 3.62 25.67
N LEU A 528 -0.11 4.59 25.06
CA LEU A 528 -0.39 6.03 25.30
C LEU A 528 -1.25 6.52 24.15
N MET A 529 -2.44 6.98 24.46
CA MET A 529 -3.38 7.53 23.45
C MET A 529 -3.53 9.06 23.66
N HIS A 530 -3.65 9.79 22.57
CA HIS A 530 -4.02 11.23 22.61
C HIS A 530 -5.55 11.39 22.70
N LYS A 531 -6.02 12.11 23.70
CA LYS A 531 -7.37 12.75 23.65
C LYS A 531 -7.27 14.14 24.26
N ARG A 532 -8.35 14.91 24.15
CA ARG A 532 -8.56 16.15 24.94
C ARG A 532 -9.87 15.99 25.71
N GLY A 533 -9.96 16.61 26.89
CA GLY A 533 -11.21 16.63 27.69
C GLY A 533 -11.75 15.25 28.01
N ASN A 534 -13.07 15.16 28.14
CA ASN A 534 -13.81 13.93 28.56
C ASN A 534 -14.93 13.72 27.54
N PRO A 535 -15.75 12.64 27.63
CA PRO A 535 -16.70 12.30 26.56
C PRO A 535 -17.65 13.44 26.14
N HIS A 536 -18.12 14.23 27.12
CA HIS A 536 -19.13 15.31 26.94
C HIS A 536 -18.50 16.56 26.31
N THR A 537 -17.23 16.83 26.65
CA THR A 537 -16.49 18.07 26.25
C THR A 537 -15.65 17.86 24.98
N MET A 538 -15.24 16.62 24.65
CA MET A 538 -14.12 16.37 23.70
C MET A 538 -14.52 16.70 22.27
N ASP A 539 -15.79 16.54 21.89
CA ASP A 539 -16.29 16.90 20.53
C ASP A 539 -16.18 18.41 20.31
N LYS A 540 -16.04 19.20 21.38
CA LYS A 540 -15.83 20.67 21.32
C LYS A 540 -14.36 21.04 21.06
N LEU A 541 -13.40 20.26 21.58
CA LEU A 541 -11.97 20.66 21.74
C LEU A 541 -11.13 20.28 20.50
N THR A 542 -11.44 20.89 19.35
CA THR A 542 -11.17 20.36 18.00
C THR A 542 -10.14 21.25 17.25
N ASN A 543 -9.66 22.33 17.88
CA ASN A 543 -8.71 23.28 17.26
C ASN A 543 -7.27 22.78 17.44
N TYR A 544 -6.56 22.59 16.32
CA TYR A 544 -5.14 22.17 16.28
C TYR A 544 -4.42 23.12 15.36
N ASP A 545 -3.21 23.56 15.70
CA ASP A 545 -2.42 24.43 14.80
C ASP A 545 -1.84 23.58 13.67
N ASN A 546 -1.38 22.38 13.99
CA ASN A 546 -0.72 21.41 13.07
C ASN A 546 -1.12 20.00 13.57
N LEU A 547 -2.37 19.63 13.29
CA LEU A 547 -3.04 18.40 13.80
C LEU A 547 -2.04 17.24 13.90
N VAL A 548 -1.50 16.81 12.77
CA VAL A 548 -0.65 15.58 12.67
C VAL A 548 0.53 15.68 13.64
N TYR A 549 1.24 16.81 13.67
CA TYR A 549 2.53 16.94 14.39
C TYR A 549 2.24 17.28 15.85
N ASP A 550 1.11 17.97 16.09
CA ASP A 550 0.69 18.34 17.48
C ASP A 550 0.51 17.06 18.25
N ILE A 551 -0.24 16.14 17.65
CA ILE A 551 -0.59 14.84 18.25
C ILE A 551 0.66 13.98 18.34
N LYS A 552 1.48 13.98 17.29
CA LYS A 552 2.69 13.15 17.28
C LYS A 552 3.63 13.64 18.38
N ASN A 553 3.77 14.95 18.51
CA ASN A 553 4.72 15.58 19.47
C ASN A 553 4.20 15.32 20.90
N TYR A 554 2.90 15.47 21.13
CA TYR A 554 2.28 15.09 22.43
C TYR A 554 2.71 13.67 22.82
N LEU A 555 2.57 12.70 21.91
CA LEU A 555 2.85 11.29 22.26
C LEU A 555 4.35 11.12 22.53
N GLU A 556 5.17 11.79 21.76
CA GLU A 556 6.64 11.81 21.97
C GLU A 556 6.94 12.45 23.34
N GLN A 557 6.26 13.51 23.73
CA GLN A 557 6.51 14.11 25.07
C GLN A 557 6.09 13.11 26.15
N ARG A 558 4.91 12.49 26.02
CA ARG A 558 4.46 11.45 26.99
C ARG A 558 5.50 10.34 27.08
N LEU A 559 5.99 9.83 25.96
CA LEU A 559 7.01 8.75 25.98
C LEU A 559 8.27 9.21 26.69
N ASN A 560 8.73 10.44 26.47
CA ASN A 560 9.92 11.02 27.16
C ASN A 560 9.70 11.00 28.68
N PHE A 561 8.52 11.40 29.11
CA PHE A 561 8.13 11.38 30.55
C PHE A 561 8.21 9.93 31.11
N LEU A 562 7.62 8.94 30.44
CA LEU A 562 7.68 7.54 30.93
C LEU A 562 9.14 7.10 30.96
N VAL A 563 9.88 7.39 29.90
CA VAL A 563 11.28 6.89 29.69
C VAL A 563 12.21 7.52 30.72
N LEU A 564 12.03 8.81 30.98
CA LEU A 564 12.74 9.53 32.07
C LEU A 564 12.49 8.82 33.41
N ASN A 565 11.31 8.21 33.56
CA ASN A 565 10.84 7.56 34.82
C ASN A 565 11.06 6.03 34.78
N GLY A 566 11.90 5.54 33.88
CA GLY A 566 12.49 4.19 34.01
C GLY A 566 11.71 3.14 33.24
N ILE A 567 10.74 3.53 32.40
CA ILE A 567 9.92 2.61 31.56
C ILE A 567 10.66 2.34 30.26
N PRO A 568 10.91 1.07 29.90
CA PRO A 568 11.67 0.79 28.69
C PRO A 568 10.99 1.37 27.45
N ARG A 569 11.74 2.01 26.55
CA ARG A 569 11.17 2.69 25.35
C ARG A 569 10.37 1.68 24.47
N TYR A 570 10.85 0.43 24.40
CA TYR A 570 10.34 -0.62 23.46
C TYR A 570 9.04 -1.25 24.02
N ARG A 571 8.63 -0.85 25.22
CA ARG A 571 7.33 -1.30 25.82
C ARG A 571 6.24 -0.22 25.70
N ILE A 572 6.43 0.80 24.86
CA ILE A 572 5.52 1.97 24.83
C ILE A 572 4.93 2.06 23.44
N LEU A 573 3.61 2.06 23.35
CA LEU A 573 2.87 2.04 22.05
C LEU A 573 2.14 3.38 21.89
N PHE A 574 2.21 3.97 20.70
CA PHE A 574 1.57 5.25 20.33
C PHE A 574 0.20 4.92 19.80
N ASP A 575 -0.78 5.78 20.11
CA ASP A 575 -2.16 5.68 19.57
C ASP A 575 -2.69 7.09 19.39
N ILE A 576 -3.13 7.43 18.21
CA ILE A 576 -3.56 8.82 17.86
C ILE A 576 -4.95 9.15 18.43
N GLY A 577 -5.66 8.21 19.08
CA GLY A 577 -7.03 8.40 19.58
C GLY A 577 -7.98 8.94 18.51
N LEU A 578 -8.30 8.14 17.49
CA LEU A 578 -9.24 8.52 16.41
C LEU A 578 -10.61 8.79 17.03
N GLY A 579 -11.25 9.91 16.69
CA GLY A 579 -12.56 10.31 17.23
C GLY A 579 -12.52 10.89 18.63
N PHE A 580 -11.35 11.05 19.25
CA PHE A 580 -11.20 11.64 20.60
C PHE A 580 -10.71 13.09 20.47
N ALA A 581 -11.65 14.04 20.57
CA ALA A 581 -11.36 15.46 20.31
C ALA A 581 -10.85 15.62 18.89
N LYS A 582 -11.39 14.83 17.94
CA LYS A 582 -11.16 15.03 16.49
C LYS A 582 -12.50 15.01 15.73
N LYS A 583 -12.68 15.97 14.85
CA LYS A 583 -13.74 15.94 13.80
C LYS A 583 -13.46 14.73 12.89
N HIS A 584 -14.47 14.26 12.18
CA HIS A 584 -14.35 13.15 11.19
C HIS A 584 -13.24 13.41 10.18
N ASP A 585 -13.17 14.61 9.58
CA ASP A 585 -12.10 14.99 8.62
C ASP A 585 -10.71 14.92 9.29
N GLN A 586 -10.64 15.15 10.61
CA GLN A 586 -9.38 15.13 11.38
C GLN A 586 -8.98 13.69 11.65
N SER A 587 -9.93 12.82 11.99
CA SER A 587 -9.68 11.37 12.19
C SER A 587 -9.11 10.79 10.90
N ILE A 588 -9.72 11.14 9.77
CA ILE A 588 -9.31 10.74 8.40
C ILE A 588 -7.88 11.21 8.18
N LYS A 589 -7.61 12.46 8.53
CA LYS A 589 -6.36 13.18 8.24
C LYS A 589 -5.20 12.49 8.94
N LEU A 590 -5.45 12.00 10.14
CA LEU A 590 -4.45 11.25 10.95
C LEU A 590 -4.22 9.88 10.34
N LEU A 591 -5.22 9.27 9.72
CA LEU A 591 -5.02 8.00 8.98
C LEU A 591 -4.25 8.26 7.67
N GLN A 592 -4.57 9.31 6.91
CA GLN A 592 -3.83 9.69 5.68
C GLN A 592 -2.33 9.82 6.01
N ASN A 593 -2.02 10.32 7.20
CA ASN A 593 -0.66 10.75 7.57
C ASN A 593 -0.09 9.82 8.63
N ILE A 594 -0.53 8.57 8.65
CA ILE A 594 -0.07 7.61 9.71
C ILE A 594 1.41 7.24 9.50
N HIS A 595 2.00 7.50 8.33
CA HIS A 595 3.44 7.19 8.02
C HIS A 595 4.34 7.94 9.00
N VAL A 596 3.82 9.01 9.54
CA VAL A 596 4.49 9.80 10.60
C VAL A 596 4.92 8.89 11.78
N TYR A 597 4.27 7.71 11.98
CA TYR A 597 4.62 6.74 13.07
C TYR A 597 5.45 5.56 12.54
N ASP A 598 6.12 5.71 11.42
CA ASP A 598 6.92 4.62 10.76
C ASP A 598 8.07 4.14 11.64
N GLU A 599 8.61 4.95 12.53
CA GLU A 599 9.75 4.51 13.39
C GLU A 599 9.23 3.89 14.69
N TYR A 600 7.93 3.91 14.95
CA TYR A 600 7.38 3.70 16.33
C TYR A 600 6.35 2.58 16.39
N PRO A 601 6.19 1.93 17.56
CA PRO A 601 5.17 0.92 17.75
C PRO A 601 3.79 1.57 17.78
N LEU A 602 2.90 1.18 16.87
CA LEU A 602 1.64 1.93 16.63
C LEU A 602 0.42 1.04 16.87
N PHE A 603 -0.54 1.60 17.57
CA PHE A 603 -1.79 0.95 18.04
C PHE A 603 -2.88 1.94 17.63
N ILE A 604 -3.92 1.51 16.90
CA ILE A 604 -5.08 2.40 16.59
C ILE A 604 -6.41 1.68 16.80
N GLY A 605 -7.45 2.46 17.04
CA GLY A 605 -8.84 1.98 17.20
C GLY A 605 -9.78 2.75 16.30
N TYR A 606 -10.08 2.22 15.11
CA TYR A 606 -11.07 2.81 14.17
C TYR A 606 -12.45 2.22 14.44
N SER A 607 -12.49 1.03 15.07
CA SER A 607 -13.64 0.08 15.03
C SER A 607 -14.94 0.76 15.47
N ARG A 608 -15.87 0.82 14.53
CA ARG A 608 -17.30 1.19 14.68
C ARG A 608 -17.44 2.67 15.02
N LYS A 609 -16.41 3.48 14.77
CA LYS A 609 -16.44 4.91 15.15
C LYS A 609 -17.25 5.67 14.10
N ARG A 610 -17.82 6.79 14.52
CA ARG A 610 -18.75 7.60 13.70
C ARG A 610 -18.06 8.05 12.42
N PHE A 611 -16.75 8.29 12.45
CA PHE A 611 -16.05 8.92 11.29
C PHE A 611 -16.11 7.94 10.11
N ILE A 612 -16.06 6.63 10.38
CA ILE A 612 -16.11 5.59 9.31
C ILE A 612 -17.34 5.90 8.45
N ALA A 613 -18.49 6.08 9.10
CA ALA A 613 -19.82 6.30 8.49
C ALA A 613 -19.80 7.55 7.61
N HIS A 614 -19.00 8.54 8.00
CA HIS A 614 -18.83 9.85 7.31
C HIS A 614 -18.17 9.67 5.95
N CYS A 615 -17.49 8.54 5.72
CA CYS A 615 -16.76 8.25 4.46
C CYS A 615 -17.73 7.72 3.41
N MET A 616 -18.92 7.27 3.81
CA MET A 616 -19.78 6.43 2.93
C MET A 616 -20.81 7.27 2.18
N ASN A 617 -21.17 6.80 0.97
CA ASN A 617 -22.07 7.43 -0.04
C ASN A 617 -23.51 7.57 0.50
N ASP A 618 -24.23 8.56 -0.03
CA ASP A 618 -25.69 8.85 0.20
C ASP A 618 -25.86 10.37 0.34
N ASP A 657 -30.70 -3.58 8.80
CA ASP A 657 -31.88 -3.09 8.03
C ASP A 657 -32.29 -1.70 8.57
N LYS A 658 -33.14 -1.65 9.61
CA LYS A 658 -33.65 -0.37 10.17
C LYS A 658 -32.59 0.21 11.11
N ASP A 659 -31.67 0.99 10.53
CA ASP A 659 -30.49 1.62 11.20
C ASP A 659 -29.37 0.58 11.42
N GLN A 660 -29.63 -0.71 11.15
CA GLN A 660 -28.63 -1.80 11.27
C GLN A 660 -28.02 -2.09 9.90
N LEU A 661 -28.47 -1.38 8.85
CA LEU A 661 -27.80 -1.29 7.53
C LEU A 661 -26.57 -0.38 7.69
N LEU A 662 -26.69 0.65 8.52
CA LEU A 662 -25.58 1.58 8.86
C LEU A 662 -24.57 0.86 9.77
N TYR A 663 -25.04 0.05 10.71
CA TYR A 663 -24.19 -0.81 11.56
C TYR A 663 -23.35 -1.72 10.64
N GLN A 664 -23.94 -2.28 9.57
CA GLN A 664 -23.23 -3.25 8.69
C GLN A 664 -22.16 -2.52 7.86
N LYS A 665 -22.51 -1.38 7.24
CA LYS A 665 -21.58 -0.57 6.40
C LYS A 665 -20.39 -0.10 7.25
N ASN A 666 -20.61 0.01 8.57
CA ASN A 666 -19.64 0.58 9.52
C ASN A 666 -18.54 -0.46 9.76
N ILE A 667 -18.97 -1.69 10.00
CA ILE A 667 -18.06 -2.85 10.18
C ILE A 667 -17.33 -3.11 8.85
N CYS A 668 -18.03 -2.98 7.73
CA CYS A 668 -17.49 -3.26 6.38
C CYS A 668 -16.51 -2.15 6.04
N GLY A 669 -16.79 -0.91 6.42
CA GLY A 669 -15.88 0.23 6.28
C GLY A 669 -14.63 0.09 7.15
N GLY A 670 -14.74 -0.49 8.34
CA GLY A 670 -13.59 -0.77 9.22
C GLY A 670 -12.61 -1.75 8.58
N LEU A 671 -13.10 -2.72 7.81
CA LEU A 671 -12.21 -3.72 7.17
C LEU A 671 -11.39 -3.04 6.08
N ALA A 672 -11.94 -2.02 5.43
CA ALA A 672 -11.13 -1.13 4.57
C ALA A 672 -9.93 -0.61 5.37
N ILE A 673 -10.14 -0.18 6.61
CA ILE A 673 -9.08 0.47 7.43
C ILE A 673 -8.09 -0.61 7.87
N ALA A 674 -8.58 -1.83 8.11
CA ALA A 674 -7.77 -3.02 8.48
C ALA A 674 -6.78 -3.27 7.35
N SER A 675 -7.25 -3.13 6.12
CA SER A 675 -6.47 -3.37 4.89
C SER A 675 -5.38 -2.30 4.80
N TYR A 676 -5.81 -1.04 4.90
CA TYR A 676 -4.97 0.18 4.89
C TYR A 676 -3.87 0.05 5.94
N SER A 677 -4.27 -0.28 7.17
CA SER A 677 -3.38 -0.56 8.33
C SER A 677 -2.36 -1.61 7.92
N TYR A 678 -2.81 -2.71 7.30
CA TYR A 678 -1.94 -3.83 6.86
C TYR A 678 -0.82 -3.32 5.96
N TYR A 679 -1.15 -2.54 4.94
CA TYR A 679 -0.13 -2.02 3.99
C TYR A 679 0.73 -0.96 4.68
N LYS A 680 0.20 -0.26 5.68
CA LYS A 680 0.94 0.78 6.44
C LYS A 680 1.72 0.13 7.59
N LYS A 681 1.60 -1.19 7.73
CA LYS A 681 2.35 -1.99 8.73
C LYS A 681 2.05 -1.49 10.13
N VAL A 682 0.82 -1.07 10.39
CA VAL A 682 0.33 -0.70 11.73
C VAL A 682 0.52 -1.91 12.65
N ASP A 683 1.11 -1.74 13.82
CA ASP A 683 1.49 -2.87 14.70
C ASP A 683 0.25 -3.50 15.36
N LEU A 684 -0.71 -2.70 15.85
CA LEU A 684 -1.94 -3.27 16.49
C LEU A 684 -3.20 -2.51 16.05
N ILE A 685 -4.29 -3.25 15.82
CA ILE A 685 -5.62 -2.66 15.54
C ILE A 685 -6.62 -3.23 16.52
N ARG A 686 -7.30 -2.33 17.20
CA ARG A 686 -8.33 -2.59 18.23
C ARG A 686 -9.66 -2.72 17.51
N VAL A 687 -10.22 -3.92 17.45
CA VAL A 687 -11.47 -4.18 16.67
C VAL A 687 -12.49 -4.92 17.54
N HIS A 688 -13.76 -4.64 17.27
CA HIS A 688 -14.92 -5.44 17.73
C HIS A 688 -15.04 -6.75 16.93
N ASP A 689 -14.84 -6.66 15.61
CA ASP A 689 -15.19 -7.75 14.64
C ASP A 689 -13.93 -8.56 14.33
N VAL A 690 -13.53 -9.44 15.24
CA VAL A 690 -12.22 -10.15 15.22
C VAL A 690 -12.12 -11.08 14.01
N LEU A 691 -13.15 -11.89 13.76
CA LEU A 691 -13.15 -12.91 12.68
C LEU A 691 -13.12 -12.24 11.31
N GLU A 692 -13.97 -11.22 11.10
CA GLU A 692 -14.02 -10.47 9.82
C GLU A 692 -12.64 -9.86 9.54
N THR A 693 -12.02 -9.22 10.53
CA THR A 693 -10.70 -8.53 10.37
C THR A 693 -9.63 -9.60 10.11
N LYS A 694 -9.67 -10.70 10.86
CA LYS A 694 -8.72 -11.82 10.70
C LYS A 694 -8.75 -12.36 9.25
N SER A 695 -9.96 -12.53 8.70
CA SER A 695 -10.13 -13.06 7.33
C SER A 695 -9.47 -12.11 6.36
N VAL A 696 -9.67 -10.80 6.54
CA VAL A 696 -9.05 -9.78 5.64
C VAL A 696 -7.53 -9.88 5.76
N LEU A 697 -6.97 -9.85 6.96
CA LEU A 697 -5.49 -9.86 7.12
C LEU A 697 -4.86 -11.15 6.57
N ASP A 698 -5.57 -12.28 6.61
CA ASP A 698 -5.06 -13.58 6.11
C ASP A 698 -4.96 -13.51 4.58
N VAL A 699 -5.98 -12.97 3.91
CA VAL A 699 -5.99 -12.89 2.42
C VAL A 699 -4.83 -11.99 2.00
N LEU A 700 -4.75 -10.79 2.57
CA LEU A 700 -3.67 -9.80 2.30
C LEU A 700 -2.29 -10.40 2.58
N THR A 701 -2.16 -11.18 3.65
CA THR A 701 -0.87 -11.81 4.03
C THR A 701 -0.49 -12.80 2.93
N LYS A 702 -1.43 -13.65 2.51
CA LYS A 702 -1.18 -14.71 1.49
C LYS A 702 -0.80 -14.08 0.16
N ILE A 703 -1.49 -13.02 -0.26
CA ILE A 703 -1.17 -12.33 -1.53
C ILE A 703 0.28 -11.81 -1.49
N ASP A 704 0.77 -11.39 -0.32
CA ASP A 704 2.18 -10.92 -0.16
C ASP A 704 3.18 -12.07 -0.16
N GLN A 705 2.80 -13.32 0.14
CA GLN A 705 3.81 -14.40 0.25
C GLN A 705 4.00 -15.07 -1.11
N VAL A 706 5.18 -14.87 -1.72
CA VAL A 706 5.61 -15.54 -2.99
C VAL A 706 5.99 -16.99 -2.69
N LYS A 707 5.34 -17.95 -3.36
CA LYS A 707 5.63 -19.40 -3.28
C LYS A 707 6.85 -19.71 -4.17
N ASP A 708 7.40 -20.93 -4.04
CA ASP A 708 8.65 -21.38 -4.73
C ASP A 708 8.38 -22.73 -5.39
N GLN B 5 -7.19 12.37 -69.20
CA GLN B 5 -7.37 12.84 -67.78
C GLN B 5 -6.31 12.15 -66.90
N GLU B 6 -6.70 11.66 -65.72
CA GLU B 6 -5.81 11.01 -64.72
C GLU B 6 -6.35 9.63 -64.36
N LEU B 7 -5.44 8.73 -63.96
CA LEU B 7 -5.70 7.30 -63.58
C LEU B 7 -6.70 7.24 -62.42
N ILE B 8 -6.77 8.28 -61.60
CA ILE B 8 -7.61 8.40 -60.37
C ILE B 8 -8.93 7.62 -60.57
N LEU B 9 -9.57 7.77 -61.74
CA LEU B 9 -10.91 7.20 -62.04
C LEU B 9 -10.83 5.74 -62.51
N SER B 10 -9.62 5.18 -62.65
CA SER B 10 -9.39 3.76 -63.03
C SER B 10 -10.42 2.88 -62.33
N GLU B 11 -11.26 2.19 -63.09
CA GLU B 11 -12.48 1.48 -62.58
C GLU B 11 -12.06 0.31 -61.69
N GLU B 12 -10.82 -0.19 -61.85
CA GLU B 12 -10.25 -1.33 -61.09
C GLU B 12 -10.32 -1.06 -59.58
N ASN B 13 -10.28 -2.12 -58.76
CA ASN B 13 -10.52 -2.04 -57.29
C ASN B 13 -9.47 -2.89 -56.55
N LYS B 14 -8.20 -2.47 -56.61
CA LYS B 14 -7.06 -3.05 -55.85
C LYS B 14 -6.97 -2.35 -54.48
N THR B 15 -6.20 -2.92 -53.53
CA THR B 15 -6.31 -2.61 -52.07
C THR B 15 -5.01 -2.02 -51.53
N ASN B 16 -5.11 -0.88 -50.83
CA ASN B 16 -4.00 -0.12 -50.19
C ASN B 16 -4.21 -0.07 -48.66
N ILE B 17 -3.10 0.00 -47.91
CA ILE B 17 -3.11 0.13 -46.41
C ILE B 17 -2.95 1.61 -46.05
N ALA B 18 -3.97 2.19 -45.42
CA ALA B 18 -3.99 3.61 -44.98
C ALA B 18 -4.15 3.68 -43.46
N VAL B 19 -3.28 4.44 -42.80
CA VAL B 19 -3.33 4.78 -41.34
C VAL B 19 -3.93 6.19 -41.21
N LEU B 20 -5.06 6.34 -40.52
CA LEU B 20 -5.73 7.65 -40.26
C LEU B 20 -5.53 8.06 -38.79
N ASN B 21 -5.60 9.37 -38.50
CA ASN B 21 -5.79 9.93 -37.14
C ASN B 21 -7.19 10.54 -37.08
N LEU B 22 -7.87 10.42 -35.94
CA LEU B 22 -9.22 11.00 -35.71
C LEU B 22 -9.16 11.85 -34.45
N GLY B 23 -9.62 13.11 -34.53
CA GLY B 23 -9.63 14.07 -33.42
C GLY B 23 -11.00 14.69 -33.23
N THR B 24 -11.38 14.97 -31.98
CA THR B 24 -12.54 15.84 -31.61
C THR B 24 -12.16 16.66 -30.38
N ASN B 25 -12.96 17.68 -30.06
CA ASN B 25 -12.71 18.63 -28.95
C ASN B 25 -13.84 18.50 -27.93
N ASP B 26 -15.03 18.06 -28.35
CA ASP B 26 -16.17 17.70 -27.44
C ASP B 26 -15.69 16.61 -26.48
N ARG B 27 -16.00 16.76 -25.19
CA ARG B 27 -15.61 15.81 -24.10
C ARG B 27 -16.66 14.69 -24.02
N ARG B 28 -17.93 15.03 -23.82
CA ARG B 28 -19.02 14.05 -23.57
C ARG B 28 -19.21 13.17 -24.82
N ASN B 29 -19.49 13.81 -25.96
CA ASN B 29 -19.95 13.14 -27.20
C ASN B 29 -18.76 12.58 -28.01
N ALA B 30 -17.53 12.67 -27.49
CA ALA B 30 -16.28 12.23 -28.16
C ALA B 30 -16.43 10.82 -28.74
N VAL B 31 -17.01 9.89 -27.98
CA VAL B 31 -17.26 8.47 -28.38
C VAL B 31 -18.16 8.50 -29.62
N LEU B 32 -19.35 9.08 -29.48
CA LEU B 32 -20.38 9.18 -30.55
C LEU B 32 -19.79 9.89 -31.78
N ILE B 33 -19.02 10.95 -31.57
CA ILE B 33 -18.36 11.67 -32.70
C ILE B 33 -17.30 10.74 -33.33
N LEU B 34 -16.49 10.07 -32.51
CA LEU B 34 -15.35 9.25 -33.02
C LEU B 34 -15.83 7.91 -33.57
N GLU B 35 -16.86 7.29 -32.96
CA GLU B 35 -17.37 5.96 -33.40
C GLU B 35 -18.21 6.13 -34.66
N THR B 36 -18.96 7.24 -34.76
CA THR B 36 -19.69 7.63 -35.99
C THR B 36 -18.67 7.75 -37.14
N ALA B 37 -17.51 8.35 -36.86
CA ALA B 37 -16.40 8.53 -37.83
C ALA B 37 -15.87 7.16 -38.25
N LEU B 38 -15.64 6.25 -37.30
CA LEU B 38 -15.13 4.87 -37.58
C LEU B 38 -16.08 4.18 -38.56
N HIS B 39 -17.40 4.33 -38.38
CA HIS B 39 -18.41 3.70 -39.27
C HIS B 39 -18.29 4.24 -40.69
N LEU B 40 -18.23 5.56 -40.84
CA LEU B 40 -18.12 6.24 -42.16
C LEU B 40 -16.83 5.80 -42.83
N VAL B 41 -15.72 5.72 -42.08
CA VAL B 41 -14.43 5.18 -42.61
C VAL B 41 -14.74 3.78 -43.14
N GLU B 42 -15.23 2.92 -42.26
CA GLU B 42 -15.64 1.53 -42.59
C GLU B 42 -16.50 1.52 -43.86
N LYS B 43 -17.50 2.41 -43.97
CA LYS B 43 -18.51 2.35 -45.05
C LYS B 43 -17.93 2.82 -46.39
N TYR B 44 -17.17 3.93 -46.42
CA TYR B 44 -16.81 4.63 -47.67
C TYR B 44 -15.34 4.40 -48.08
N LEU B 45 -14.51 3.78 -47.24
CA LEU B 45 -13.04 3.68 -47.52
C LEU B 45 -12.54 2.23 -47.63
N GLY B 46 -13.15 1.26 -46.97
CA GLY B 46 -12.63 -0.12 -46.88
C GLY B 46 -12.77 -0.68 -45.47
N LYS B 47 -11.84 -1.52 -45.01
CA LYS B 47 -12.01 -2.29 -43.74
C LYS B 47 -11.08 -1.75 -42.67
N ILE B 48 -11.62 -1.50 -41.47
CA ILE B 48 -10.83 -1.19 -40.26
C ILE B 48 -10.24 -2.50 -39.74
N ILE B 49 -8.91 -2.63 -39.82
CA ILE B 49 -8.17 -3.84 -39.36
C ILE B 49 -7.22 -3.47 -38.21
N ASN B 50 -7.22 -2.22 -37.75
CA ASN B 50 -6.55 -1.84 -36.49
C ASN B 50 -7.13 -0.52 -35.97
N THR B 51 -7.11 -0.37 -34.65
CA THR B 51 -7.41 0.87 -33.90
C THR B 51 -6.50 0.93 -32.67
N SER B 52 -6.28 2.12 -32.15
CA SER B 52 -5.51 2.39 -30.91
C SER B 52 -6.51 2.51 -29.76
N TYR B 53 -6.01 2.81 -28.56
CA TYR B 53 -6.85 3.32 -27.46
C TYR B 53 -7.25 4.75 -27.81
N LEU B 54 -8.46 5.12 -27.40
CA LEU B 54 -8.95 6.51 -27.28
C LEU B 54 -8.08 7.22 -26.24
N TYR B 55 -7.40 8.31 -26.57
CA TYR B 55 -6.66 9.10 -25.55
C TYR B 55 -7.20 10.52 -25.42
N GLU B 56 -7.42 10.97 -24.17
CA GLU B 56 -7.57 12.41 -23.83
C GLU B 56 -6.17 13.02 -23.72
N THR B 57 -5.86 14.00 -24.57
CA THR B 57 -4.50 14.56 -24.74
C THR B 57 -4.52 16.07 -24.48
N VAL B 58 -3.43 16.56 -23.87
CA VAL B 58 -3.12 18.01 -23.62
C VAL B 58 -2.17 18.46 -24.73
N PRO B 59 -2.57 19.43 -25.60
CA PRO B 59 -1.77 19.74 -26.79
C PRO B 59 -0.48 20.50 -26.46
N ILE B 85 -27.18 13.30 -34.55
CA ILE B 85 -26.70 12.30 -35.55
C ILE B 85 -27.68 11.12 -35.67
N ASN B 86 -28.60 10.92 -34.71
CA ASN B 86 -29.70 9.91 -34.80
C ASN B 86 -30.28 9.89 -36.23
N GLU B 87 -30.52 11.08 -36.81
CA GLU B 87 -31.14 11.29 -38.14
C GLU B 87 -30.18 10.88 -39.26
N LEU B 88 -28.90 11.25 -39.14
CA LEU B 88 -27.84 11.08 -40.17
C LEU B 88 -27.66 9.61 -40.56
N MET B 89 -27.98 8.66 -39.67
CA MET B 89 -27.64 7.22 -39.81
C MET B 89 -28.77 6.41 -40.48
N GLN B 90 -29.96 7.00 -40.66
CA GLN B 90 -31.07 6.40 -41.46
C GLN B 90 -31.17 7.07 -42.83
N ASN B 91 -30.48 8.21 -43.04
CA ASN B 91 -30.40 8.95 -44.33
C ASN B 91 -28.99 8.82 -44.91
N LEU B 92 -28.57 7.58 -45.22
CA LEU B 92 -27.19 7.24 -45.68
C LEU B 92 -27.15 7.08 -47.19
N GLU B 93 -26.25 7.82 -47.86
CA GLU B 93 -25.87 7.59 -49.28
C GLU B 93 -25.00 6.33 -49.32
N GLU B 94 -25.52 5.21 -49.83
CA GLU B 94 -24.85 3.88 -49.75
C GLU B 94 -23.62 3.89 -50.66
N SER B 95 -22.65 3.01 -50.38
CA SER B 95 -21.31 2.95 -51.01
C SER B 95 -21.41 2.22 -52.36
N LYS B 96 -20.41 2.41 -53.24
CA LYS B 96 -20.28 1.71 -54.55
C LYS B 96 -19.50 0.41 -54.34
N TYR B 97 -19.03 0.17 -53.12
CA TYR B 97 -18.43 -1.11 -52.67
C TYR B 97 -19.39 -1.74 -51.65
N GLU B 98 -19.06 -2.95 -51.17
CA GLU B 98 -19.99 -3.81 -50.40
C GLU B 98 -19.22 -4.38 -49.20
N GLU B 99 -19.64 -4.03 -47.98
CA GLU B 99 -18.88 -4.34 -46.73
C GLU B 99 -18.97 -5.84 -46.44
N ASN B 100 -17.83 -6.54 -46.48
CA ASN B 100 -17.72 -7.98 -46.10
C ASN B 100 -17.57 -8.08 -44.58
N LYS B 101 -18.64 -8.50 -43.89
CA LYS B 101 -18.70 -8.66 -42.41
C LYS B 101 -17.95 -9.91 -41.95
N GLU B 102 -17.61 -10.82 -42.88
CA GLU B 102 -16.94 -12.12 -42.57
C GLU B 102 -15.65 -11.87 -41.78
N LEU B 103 -15.35 -12.75 -40.83
CA LEU B 103 -14.14 -12.66 -39.99
C LEU B 103 -12.90 -13.01 -40.81
N ILE B 104 -11.75 -12.46 -40.44
CA ILE B 104 -10.44 -12.74 -41.09
C ILE B 104 -9.47 -13.07 -39.96
N ASP B 105 -8.37 -13.76 -40.25
CA ASP B 105 -7.35 -14.11 -39.23
C ASP B 105 -5.96 -13.64 -39.70
N LYS B 106 -5.88 -13.15 -40.94
CA LYS B 106 -4.63 -12.73 -41.63
C LYS B 106 -5.00 -11.61 -42.62
N CYS B 107 -4.08 -10.68 -42.85
CA CYS B 107 -4.22 -9.64 -43.91
C CYS B 107 -2.87 -9.42 -44.58
N GLU B 108 -2.63 -10.11 -45.70
CA GLU B 108 -1.35 -10.13 -46.49
C GLU B 108 -0.92 -8.70 -46.82
N GLU B 109 -1.87 -7.87 -47.23
CA GLU B 109 -1.61 -6.47 -47.67
C GLU B 109 -1.07 -5.70 -46.46
N TYR B 110 -1.74 -5.85 -45.31
CA TYR B 110 -1.38 -5.25 -44.00
C TYR B 110 0.01 -5.74 -43.58
N GLU B 111 0.28 -7.04 -43.70
CA GLU B 111 1.56 -7.66 -43.23
C GLU B 111 2.72 -7.16 -44.10
N THR B 112 2.49 -6.97 -45.40
CA THR B 112 3.46 -6.38 -46.37
C THR B 112 3.70 -4.90 -46.03
N PHE B 113 2.63 -4.15 -45.73
CA PHE B 113 2.70 -2.71 -45.36
C PHE B 113 3.73 -2.51 -44.24
N LEU B 114 3.74 -3.41 -43.26
CA LEU B 114 4.53 -3.29 -42.00
C LEU B 114 6.01 -3.51 -42.26
N LYS B 115 6.39 -4.38 -43.20
CA LYS B 115 7.82 -4.65 -43.55
C LYS B 115 8.26 -3.68 -44.66
N ASN B 116 7.31 -2.91 -45.23
CA ASN B 116 7.53 -2.00 -46.39
C ASN B 116 7.93 -2.83 -47.61
N GLY B 117 7.31 -4.00 -47.78
CA GLY B 117 7.47 -4.82 -48.99
C GLY B 117 6.88 -4.10 -50.20
N LYS B 118 7.05 -4.69 -51.39
CA LYS B 118 6.49 -4.18 -52.67
C LYS B 118 4.98 -3.95 -52.52
N VAL B 119 4.48 -2.80 -53.00
CA VAL B 119 3.02 -2.54 -53.19
C VAL B 119 2.85 -1.86 -54.55
N ASP B 120 1.68 -2.04 -55.18
CA ASP B 120 1.35 -1.41 -56.49
C ASP B 120 1.75 0.07 -56.42
N ASN B 121 2.66 0.47 -57.32
CA ASN B 121 3.48 1.71 -57.25
C ASN B 121 2.56 2.95 -57.17
N SER B 122 3.10 4.04 -56.62
CA SER B 122 2.41 5.32 -56.33
C SER B 122 1.91 5.96 -57.64
N ILE B 123 0.59 6.16 -57.77
CA ILE B 123 -0.05 6.74 -58.99
C ILE B 123 0.17 8.26 -59.00
N LEU B 124 0.61 8.84 -57.87
CA LEU B 124 0.85 10.29 -57.70
C LEU B 124 2.35 10.60 -57.72
N LYS B 125 2.69 11.88 -57.89
CA LYS B 125 4.08 12.42 -57.94
C LYS B 125 4.70 12.31 -56.54
N GLU B 126 5.85 11.64 -56.44
CA GLU B 126 6.47 11.22 -55.15
C GLU B 126 7.86 11.84 -54.99
N VAL B 127 8.01 12.74 -54.02
CA VAL B 127 9.30 13.40 -53.65
C VAL B 127 10.19 12.38 -52.92
N ASN B 128 11.40 12.79 -52.54
CA ASN B 128 12.35 11.96 -51.74
C ASN B 128 12.59 12.61 -50.37
N VAL B 129 13.56 12.08 -49.61
CA VAL B 129 13.75 12.32 -48.14
C VAL B 129 13.90 13.82 -47.86
N GLU B 130 15.01 14.42 -48.33
CA GLU B 130 15.41 15.82 -48.03
C GLU B 130 14.34 16.80 -48.55
N ASN B 131 13.82 16.57 -49.75
CA ASN B 131 12.77 17.42 -50.40
C ASN B 131 11.49 17.38 -49.55
N TYR B 132 11.20 16.24 -48.90
CA TYR B 132 10.07 16.07 -47.94
C TYR B 132 10.37 16.85 -46.65
N LEU B 133 11.56 16.68 -46.08
CA LEU B 133 11.97 17.29 -44.79
C LEU B 133 11.99 18.82 -44.91
N LEU B 134 12.62 19.33 -45.98
CA LEU B 134 12.73 20.78 -46.28
C LEU B 134 11.33 21.38 -46.40
N GLU B 135 10.43 20.71 -47.13
CA GLU B 135 9.02 21.13 -47.35
C GLU B 135 8.21 20.94 -46.06
N CYS B 136 8.42 19.81 -45.36
CA CYS B 136 7.82 19.50 -44.03
C CYS B 136 8.14 20.66 -43.09
N ASN B 137 9.43 20.93 -42.89
CA ASN B 137 9.97 22.07 -42.10
C ASN B 137 9.26 23.37 -42.51
N ASN B 138 9.02 23.58 -43.82
CA ASN B 138 8.36 24.80 -44.37
C ASN B 138 6.96 24.97 -43.77
N ILE B 139 6.26 23.88 -43.44
CA ILE B 139 4.89 23.96 -42.84
C ILE B 139 5.01 24.18 -41.32
N ILE B 140 5.95 23.50 -40.64
CA ILE B 140 6.15 23.63 -39.17
C ILE B 140 6.49 25.08 -38.82
N VAL B 141 7.50 25.65 -39.48
CA VAL B 141 8.11 26.97 -39.12
C VAL B 141 7.18 28.12 -39.53
N LYS B 142 6.15 27.84 -40.36
CA LYS B 142 5.17 28.85 -40.85
C LYS B 142 4.05 29.02 -39.81
N ASN B 143 3.31 27.95 -39.52
CA ASN B 143 2.08 28.00 -38.67
C ASN B 143 2.45 27.95 -37.18
N ASP B 144 3.74 27.89 -36.82
CA ASP B 144 4.21 28.09 -35.42
C ASP B 144 3.64 29.42 -34.90
N PHE B 163 -8.21 17.55 -25.97
CA PHE B 163 -8.15 16.92 -27.33
C PHE B 163 -8.29 15.39 -27.19
N TYR B 164 -9.01 14.75 -28.12
CA TYR B 164 -9.36 13.29 -28.10
C TYR B 164 -8.89 12.58 -29.37
N ASN B 165 -7.83 11.80 -29.21
CA ASN B 165 -7.05 11.14 -30.29
C ASN B 165 -7.45 9.67 -30.39
N LEU B 166 -7.29 9.10 -31.60
CA LEU B 166 -7.64 7.70 -32.00
C LEU B 166 -7.09 7.47 -33.41
N THR B 167 -6.07 6.64 -33.57
CA THR B 167 -5.59 6.18 -34.90
C THR B 167 -6.37 4.94 -35.34
N VAL B 168 -6.37 4.66 -36.65
CA VAL B 168 -6.98 3.45 -37.26
C VAL B 168 -6.10 3.00 -38.43
N VAL B 169 -6.18 1.72 -38.80
CA VAL B 169 -5.60 1.18 -40.05
C VAL B 169 -6.75 0.73 -40.95
N VAL B 170 -6.65 1.00 -42.25
CA VAL B 170 -7.72 0.67 -43.24
C VAL B 170 -7.08 -0.04 -44.44
N LYS B 171 -7.53 -1.27 -44.73
CA LYS B 171 -7.49 -1.92 -46.06
C LYS B 171 -8.51 -1.17 -46.91
N THR B 172 -8.03 -0.33 -47.84
CA THR B 172 -8.88 0.62 -48.62
C THR B 172 -8.82 0.25 -50.12
N PHE B 173 -9.99 0.22 -50.74
CA PHE B 173 -10.17 0.01 -52.20
C PHE B 173 -9.74 1.28 -52.96
N VAL B 174 -9.79 2.44 -52.28
CA VAL B 174 -9.46 3.77 -52.86
C VAL B 174 -8.04 3.70 -53.43
N ASN B 175 -7.80 4.40 -54.54
CA ASN B 175 -6.62 4.21 -55.43
C ASN B 175 -5.43 5.01 -54.91
N ASP B 176 -5.65 6.07 -54.15
CA ASP B 176 -4.57 7.03 -53.77
C ASP B 176 -5.04 8.02 -52.71
N PRO B 177 -4.10 8.58 -51.92
CA PRO B 177 -4.45 9.37 -50.73
C PRO B 177 -5.30 10.60 -51.08
N LEU B 178 -4.93 11.31 -52.14
CA LEU B 178 -5.70 12.49 -52.63
C LEU B 178 -7.18 12.09 -52.76
N SER B 179 -7.48 11.00 -53.48
CA SER B 179 -8.88 10.50 -53.64
C SER B 179 -9.48 10.33 -52.24
N MET B 180 -8.74 9.70 -51.33
CA MET B 180 -9.19 9.39 -49.95
C MET B 180 -9.48 10.69 -49.20
N LEU B 181 -8.53 11.64 -49.25
CA LEU B 181 -8.64 12.96 -48.58
C LEU B 181 -9.89 13.70 -49.08
N VAL B 182 -10.38 13.41 -50.29
CA VAL B 182 -11.65 13.96 -50.84
C VAL B 182 -12.81 13.27 -50.11
N VAL B 183 -12.75 11.95 -49.97
CA VAL B 183 -13.74 11.12 -49.23
C VAL B 183 -13.66 11.49 -47.75
N ILE B 184 -12.44 11.51 -47.19
CA ILE B 184 -12.17 11.89 -45.77
C ILE B 184 -12.78 13.26 -45.50
N LYS B 185 -12.50 14.25 -46.37
CA LYS B 185 -12.98 15.65 -46.20
C LYS B 185 -14.48 15.69 -46.45
N TYR B 186 -14.96 14.98 -47.47
CA TYR B 186 -16.42 14.83 -47.75
C TYR B 186 -17.09 14.27 -46.50
N ILE B 187 -16.47 13.27 -45.87
CA ILE B 187 -16.94 12.63 -44.60
C ILE B 187 -16.97 13.67 -43.49
N GLU B 188 -15.86 14.42 -43.34
CA GLU B 188 -15.70 15.50 -42.34
C GLU B 188 -16.92 16.43 -42.45
N GLU B 189 -17.34 16.75 -43.68
CA GLU B 189 -18.41 17.74 -43.98
C GLU B 189 -19.82 17.21 -43.63
N LEU B 190 -20.01 15.89 -43.58
CA LEU B 190 -21.33 15.27 -43.31
C LEU B 190 -21.64 15.30 -41.81
N MET B 191 -20.60 15.33 -40.97
CA MET B 191 -20.70 15.29 -39.49
C MET B 191 -20.81 16.71 -38.95
N ILE B 206 -15.00 20.11 -34.80
CA ILE B 206 -15.92 18.96 -34.50
C ILE B 206 -15.18 17.65 -34.73
N ILE B 207 -14.57 17.48 -35.91
CA ILE B 207 -13.87 16.23 -36.33
C ILE B 207 -12.78 16.61 -37.34
N ASP B 208 -11.53 16.24 -37.07
CA ASP B 208 -10.38 16.36 -38.00
C ASP B 208 -9.85 14.95 -38.26
N ILE B 209 -10.10 14.43 -39.47
CA ILE B 209 -9.60 13.11 -39.96
C ILE B 209 -8.41 13.35 -40.88
N ASP B 210 -7.25 12.77 -40.57
CA ASP B 210 -5.96 13.03 -41.26
C ASP B 210 -5.31 11.70 -41.64
N ILE B 211 -4.58 11.68 -42.76
CA ILE B 211 -3.88 10.47 -43.29
C ILE B 211 -2.45 10.47 -42.78
N LEU B 212 -2.13 9.64 -41.79
CA LEU B 212 -0.75 9.58 -41.23
C LEU B 212 0.17 8.92 -42.26
N PHE B 213 -0.30 7.85 -42.90
CA PHE B 213 0.50 7.07 -43.88
C PHE B 213 -0.43 6.56 -44.98
N PHE B 214 0.19 6.15 -46.09
CA PHE B 214 -0.48 5.46 -47.23
C PHE B 214 0.56 4.61 -47.94
N ASN B 215 0.56 3.31 -47.66
CA ASN B 215 1.61 2.36 -48.10
C ASN B 215 2.96 2.95 -47.66
N ASP B 216 4.04 2.78 -48.43
CA ASP B 216 5.37 3.33 -48.04
C ASP B 216 5.60 4.70 -48.70
N PHE B 217 4.58 5.27 -49.34
CA PHE B 217 4.67 6.50 -50.18
C PHE B 217 5.24 7.66 -49.35
N THR B 218 6.18 8.40 -49.95
CA THR B 218 6.73 9.68 -49.41
C THR B 218 6.22 10.82 -50.31
N ILE B 219 4.91 11.06 -50.33
CA ILE B 219 4.25 12.07 -51.21
C ILE B 219 4.45 13.46 -50.60
N PHE B 220 4.77 14.44 -51.46
CA PHE B 220 4.61 15.90 -51.19
C PHE B 220 4.11 16.55 -52.48
N MET B 221 2.94 17.17 -52.42
CA MET B 221 2.32 17.98 -53.50
C MET B 221 1.95 19.33 -52.90
N LYS B 222 2.55 20.42 -53.42
CA LYS B 222 2.72 21.73 -52.72
C LYS B 222 1.53 22.66 -52.99
N ASN B 223 0.96 22.62 -54.19
CA ASN B 223 -0.24 23.40 -54.56
C ASN B 223 -1.27 22.45 -55.16
N ILE B 224 -2.51 22.53 -54.68
CA ILE B 224 -3.63 21.65 -55.13
C ILE B 224 -4.88 22.52 -55.23
N LYS B 225 -5.45 22.61 -56.44
CA LYS B 225 -6.81 23.15 -56.71
C LYS B 225 -7.51 22.11 -57.60
N LEU B 226 -8.68 21.63 -57.15
CA LEU B 226 -9.50 20.63 -57.86
C LEU B 226 -10.90 21.22 -58.03
N GLU B 227 -11.35 21.41 -59.26
CA GLU B 227 -12.67 22.07 -59.55
C GLU B 227 -13.79 21.12 -59.12
N LYS B 228 -14.93 21.69 -58.69
CA LYS B 228 -16.13 20.97 -58.21
C LYS B 228 -16.42 19.72 -59.06
N ASN B 229 -16.31 19.82 -60.38
CA ASN B 229 -16.63 18.71 -61.33
C ASN B 229 -15.68 17.52 -61.06
N MET B 230 -14.41 17.80 -60.74
CA MET B 230 -13.37 16.76 -60.49
C MET B 230 -13.63 16.06 -59.16
N ILE B 231 -14.13 16.80 -58.15
CA ILE B 231 -14.46 16.28 -56.79
C ILE B 231 -15.69 15.36 -56.87
N TYR B 232 -16.75 15.76 -57.59
CA TYR B 232 -17.97 14.97 -57.83
C TYR B 232 -17.60 13.61 -58.45
N LYS B 233 -16.60 13.58 -59.33
CA LYS B 233 -16.20 12.38 -60.12
C LYS B 233 -15.41 11.39 -59.23
N ILE B 234 -14.76 11.85 -58.16
CA ILE B 234 -14.05 10.96 -57.19
C ILE B 234 -15.05 10.46 -56.16
N LEU B 235 -15.92 11.34 -55.66
CA LEU B 235 -17.01 10.99 -54.70
C LEU B 235 -18.00 10.02 -55.37
N SER B 236 -18.32 10.25 -56.65
CA SER B 236 -19.24 9.39 -57.44
C SER B 236 -18.62 8.01 -57.66
N LYS B 237 -17.28 7.93 -57.70
CA LYS B 237 -16.51 6.70 -58.01
C LYS B 237 -16.73 5.64 -56.92
N TYR B 238 -16.80 6.08 -55.66
CA TYR B 238 -16.93 5.23 -54.45
C TYR B 238 -18.27 5.44 -53.73
N ILE B 239 -19.18 6.25 -54.27
CA ILE B 239 -20.47 6.57 -53.57
C ILE B 239 -21.62 6.79 -54.57
N HIS B 240 -22.77 6.17 -54.29
CA HIS B 240 -24.08 6.45 -54.94
C HIS B 240 -24.66 7.76 -54.35
N LEU B 241 -24.26 8.93 -54.87
CA LEU B 241 -24.67 10.26 -54.31
C LEU B 241 -26.18 10.49 -54.51
N ILE B 306 -19.67 19.43 -51.30
CA ILE B 306 -18.56 19.66 -52.27
C ILE B 306 -18.04 21.10 -52.18
N ASN B 307 -18.81 21.99 -51.54
CA ASN B 307 -18.60 23.46 -51.58
C ASN B 307 -17.18 23.80 -51.10
N ASN B 308 -16.77 23.25 -49.94
CA ASN B 308 -15.58 23.72 -49.17
C ASN B 308 -14.34 22.88 -49.48
N MET B 309 -14.46 21.66 -49.99
CA MET B 309 -13.30 20.78 -50.32
C MET B 309 -12.27 21.61 -51.11
N VAL B 310 -12.76 22.41 -52.05
CA VAL B 310 -11.93 23.34 -52.89
C VAL B 310 -11.25 24.37 -51.99
N ASP B 311 -12.01 25.02 -51.10
CA ASP B 311 -11.51 26.09 -50.19
C ASP B 311 -10.60 25.50 -49.09
N ASN B 312 -10.67 24.18 -48.87
CA ASN B 312 -10.08 23.48 -47.69
C ASN B 312 -8.88 22.58 -48.09
N ILE B 313 -8.80 22.08 -49.33
CA ILE B 313 -7.73 21.11 -49.75
C ILE B 313 -6.60 21.87 -50.46
N GLU B 314 -5.71 22.48 -49.67
CA GLU B 314 -4.57 23.31 -50.17
C GLU B 314 -3.46 22.38 -50.70
N PHE B 315 -3.04 21.39 -49.92
CA PHE B 315 -1.90 20.48 -50.28
C PHE B 315 -2.11 19.08 -49.67
N LEU B 316 -1.18 18.16 -50.01
CA LEU B 316 -1.16 16.76 -49.51
C LEU B 316 0.27 16.37 -49.12
N SER B 317 0.48 16.08 -47.82
CA SER B 317 1.72 15.51 -47.25
C SER B 317 1.45 14.09 -46.75
N ILE B 318 2.26 13.12 -47.20
CA ILE B 318 2.31 11.73 -46.67
C ILE B 318 3.78 11.32 -46.56
N PRO B 319 4.26 10.95 -45.35
CA PRO B 319 3.44 10.97 -44.13
C PRO B 319 2.99 12.39 -43.78
N HIS B 320 1.84 12.53 -43.13
CA HIS B 320 1.34 13.82 -42.58
C HIS B 320 2.47 14.52 -41.82
N VAL B 321 2.49 15.85 -41.86
CA VAL B 321 3.64 16.70 -41.42
C VAL B 321 3.94 16.42 -39.94
N TYR B 322 2.92 16.49 -39.06
CA TYR B 322 3.08 16.43 -37.58
C TYR B 322 3.13 14.99 -37.07
N THR B 323 3.00 14.00 -37.96
CA THR B 323 3.17 12.56 -37.63
C THR B 323 4.17 12.40 -36.49
N THR B 324 5.40 12.89 -36.68
CA THR B 324 6.56 12.62 -35.79
C THR B 324 6.71 13.74 -34.74
N HIS B 325 5.69 14.60 -34.57
CA HIS B 325 5.78 15.84 -33.75
C HIS B 325 4.74 15.84 -32.62
N ARG B 326 3.45 15.76 -32.95
CA ARG B 326 2.37 15.66 -31.93
C ARG B 326 2.57 14.35 -31.15
N TYR B 327 2.67 14.44 -29.81
CA TYR B 327 2.79 13.29 -28.88
C TYR B 327 1.53 12.43 -28.98
N SER B 328 0.36 13.06 -29.08
CA SER B 328 -0.95 12.39 -29.19
C SER B 328 -0.96 11.40 -30.37
N ILE B 329 -0.16 11.66 -31.40
CA ILE B 329 -0.12 10.81 -32.63
C ILE B 329 0.81 9.63 -32.38
N LEU B 330 2.05 9.87 -31.94
CA LEU B 330 3.00 8.80 -31.57
C LEU B 330 2.37 7.85 -30.55
N LEU B 331 1.64 8.39 -29.57
CA LEU B 331 0.98 7.62 -28.48
C LEU B 331 0.04 6.58 -29.10
N CYS B 332 -0.81 7.01 -30.02
CA CYS B 332 -1.80 6.15 -30.73
C CYS B 332 -1.10 5.14 -31.64
N LEU B 333 -0.09 5.56 -32.41
CA LEU B 333 0.64 4.68 -33.36
C LEU B 333 1.41 3.58 -32.61
N ASN B 334 1.89 3.87 -31.40
CA ASN B 334 2.65 2.91 -30.56
C ASN B 334 1.73 1.76 -30.13
N ASP B 335 0.41 2.00 -30.07
CA ASP B 335 -0.61 0.98 -29.74
C ASP B 335 -0.76 0.02 -30.93
N MET B 336 -0.77 0.56 -32.16
CA MET B 336 -1.11 -0.21 -33.38
C MET B 336 0.15 -0.82 -34.00
N ILE B 337 1.20 -0.02 -34.26
CA ILE B 337 2.30 -0.41 -35.20
C ILE B 337 3.65 -0.03 -34.61
N PRO B 338 3.96 -0.48 -33.38
CA PRO B 338 5.21 -0.09 -32.73
C PRO B 338 6.46 -0.29 -33.62
N GLU B 339 6.53 -1.38 -34.41
CA GLU B 339 7.77 -1.73 -35.16
C GLU B 339 7.68 -1.25 -36.62
N TYR B 340 6.76 -0.34 -36.95
CA TYR B 340 6.74 0.34 -38.28
C TYR B 340 7.92 1.31 -38.38
N LYS B 341 8.58 1.34 -39.54
CA LYS B 341 9.71 2.26 -39.85
C LYS B 341 9.59 2.73 -41.31
N HIS B 342 8.92 3.86 -41.51
CA HIS B 342 8.96 4.68 -42.75
C HIS B 342 10.40 5.21 -42.92
N ASN B 343 10.93 5.27 -44.14
CA ASN B 343 12.34 5.67 -44.40
C ASN B 343 12.51 7.18 -44.19
N VAL B 344 11.41 7.95 -44.17
CA VAL B 344 11.40 9.39 -43.77
C VAL B 344 11.68 9.49 -42.26
N LEU B 345 11.01 8.68 -41.44
CA LEU B 345 11.20 8.64 -39.96
C LEU B 345 12.59 8.08 -39.65
N ASN B 346 13.16 8.48 -38.52
CA ASN B 346 14.56 8.16 -38.14
C ASN B 346 14.63 6.77 -37.47
N ASN B 347 13.53 6.31 -36.86
CA ASN B 347 13.49 5.08 -36.03
C ASN B 347 12.09 4.46 -36.11
N THR B 348 11.91 3.26 -35.53
CA THR B 348 10.60 2.59 -35.36
C THR B 348 9.66 3.44 -34.48
N ILE B 349 8.35 3.38 -34.75
CA ILE B 349 7.30 4.12 -34.00
C ILE B 349 7.50 3.96 -32.49
N ARG B 350 8.03 2.82 -32.03
CA ARG B 350 8.24 2.52 -30.59
C ARG B 350 9.44 3.32 -30.08
N CYS B 351 10.56 3.31 -30.82
CA CYS B 351 11.81 4.01 -30.39
C CYS B 351 11.62 5.54 -30.47
N LEU B 352 10.93 6.05 -31.49
CA LEU B 352 10.50 7.48 -31.53
C LEU B 352 9.58 7.77 -30.35
N TYR B 353 8.64 6.87 -30.05
CA TYR B 353 7.69 7.06 -28.92
C TYR B 353 8.46 7.04 -27.61
N ASN B 354 9.29 6.01 -27.40
CA ASN B 354 10.04 5.80 -26.14
C ASN B 354 10.99 6.99 -25.89
N LYS B 355 11.72 7.43 -26.92
CA LYS B 355 12.77 8.49 -26.82
C LYS B 355 12.12 9.82 -26.37
N TYR B 356 10.91 10.11 -26.86
CA TYR B 356 10.11 11.32 -26.52
C TYR B 356 9.76 11.29 -25.02
N VAL B 357 9.24 10.17 -24.52
CA VAL B 357 8.87 9.98 -23.08
C VAL B 357 10.14 10.16 -22.24
N SER B 358 11.27 9.65 -22.75
CA SER B 358 12.63 9.82 -22.15
C SER B 358 12.99 11.32 -22.09
N ARG B 359 12.72 12.08 -23.16
CA ARG B 359 13.11 13.51 -23.27
C ARG B 359 12.27 14.35 -22.30
N MET B 360 10.95 14.20 -22.33
CA MET B 360 10.00 15.00 -21.50
C MET B 360 10.33 14.88 -20.00
N LYS B 361 10.90 13.77 -19.55
CA LYS B 361 11.24 13.51 -18.12
C LYS B 361 12.59 14.17 -17.81
N GLU B 362 13.59 13.98 -18.67
CA GLU B 362 14.98 14.50 -18.49
C GLU B 362 14.98 16.03 -18.56
N GLN B 363 14.59 16.59 -19.71
CA GLN B 363 14.70 18.05 -20.00
C GLN B 363 13.71 18.82 -19.12
N TYR B 364 12.40 18.67 -19.35
CA TYR B 364 11.33 19.48 -18.69
C TYR B 364 10.95 18.91 -17.31
N ASN B 365 11.40 17.69 -17.00
CA ASN B 365 11.16 16.99 -15.70
C ASN B 365 9.64 16.87 -15.44
N ILE B 366 8.92 16.26 -16.39
CA ILE B 366 7.44 16.03 -16.37
C ILE B 366 7.14 14.62 -16.87
N ASN B 367 6.36 13.87 -16.10
CA ASN B 367 5.69 12.62 -16.55
C ASN B 367 4.60 13.01 -17.56
N ILE B 368 4.78 12.69 -18.85
CA ILE B 368 3.86 13.02 -19.98
C ILE B 368 2.47 12.40 -19.75
N LYS B 369 2.40 11.25 -19.07
CA LYS B 369 1.14 10.52 -18.76
C LYS B 369 0.13 11.45 -18.07
N GLU B 370 0.55 12.15 -17.00
CA GLU B 370 -0.34 12.88 -16.06
C GLU B 370 -1.57 13.44 -16.79
N ASN B 371 -1.38 14.15 -17.91
CA ASN B 371 -2.45 14.96 -18.57
C ASN B 371 -2.89 14.33 -19.90
N ASN B 372 -2.08 13.43 -20.47
CA ASN B 372 -2.44 12.60 -21.65
C ASN B 372 -2.83 11.19 -21.16
N LYS B 373 -4.12 11.01 -20.91
CA LYS B 373 -4.70 9.84 -20.20
C LYS B 373 -5.27 8.84 -21.21
N ARG B 374 -4.97 7.55 -21.04
CA ARG B 374 -5.52 6.45 -21.86
C ARG B 374 -6.96 6.17 -21.46
N ILE B 375 -7.85 5.97 -22.43
CA ILE B 375 -9.31 5.79 -22.20
C ILE B 375 -9.78 4.41 -22.71
N TYR B 376 -10.71 3.82 -21.95
CA TYR B 376 -11.55 2.66 -22.33
C TYR B 376 -13.00 3.09 -22.17
N VAL B 377 -13.91 2.34 -22.80
CA VAL B 377 -15.35 2.66 -22.89
C VAL B 377 -16.14 1.38 -22.56
N LEU B 378 -17.06 1.48 -21.61
CA LEU B 378 -17.93 0.38 -21.16
C LEU B 378 -19.26 0.46 -21.90
N LYS B 379 -19.65 1.65 -22.37
CA LYS B 379 -20.96 1.85 -23.03
C LYS B 379 -20.85 2.94 -24.09
N ASP B 380 -20.93 4.21 -23.68
CA ASP B 380 -20.90 5.38 -24.59
C ASP B 380 -20.11 6.54 -23.97
N ARG B 381 -19.75 6.47 -22.68
CA ARG B 381 -19.01 7.54 -21.95
C ARG B 381 -17.55 7.15 -21.71
N ILE B 382 -16.67 8.15 -21.64
CA ILE B 382 -15.22 8.01 -21.30
C ILE B 382 -15.09 7.42 -19.90
N SER B 383 -14.15 6.48 -19.74
CA SER B 383 -13.65 5.97 -18.45
C SER B 383 -12.13 6.07 -18.50
N TYR B 384 -11.54 6.81 -17.57
CA TYR B 384 -10.07 7.02 -17.55
C TYR B 384 -9.44 5.74 -17.03
N LEU B 385 -8.60 5.12 -17.85
CA LEU B 385 -7.97 3.83 -17.48
C LEU B 385 -7.32 4.02 -16.10
N LYS B 386 -7.59 3.09 -15.16
CA LYS B 386 -6.81 2.95 -13.90
C LYS B 386 -7.19 4.04 -12.88
N GLU B 387 -8.32 4.73 -13.05
CA GLU B 387 -8.73 5.87 -12.18
C GLU B 387 -9.84 5.48 -11.21
N LYS B 388 -10.56 4.40 -11.45
CA LYS B 388 -11.64 3.92 -10.56
C LYS B 388 -11.69 2.39 -10.61
N THR B 389 -12.13 1.78 -9.52
CA THR B 389 -12.50 0.36 -9.42
C THR B 389 -14.02 0.28 -9.41
N ASN B 390 -14.62 -0.03 -10.57
CA ASN B 390 -16.07 -0.15 -10.76
C ASN B 390 -16.53 -1.45 -10.13
N ILE B 391 -17.69 -1.44 -9.51
CA ILE B 391 -18.34 -2.68 -9.01
C ILE B 391 -19.29 -3.17 -10.09
N VAL B 392 -19.16 -4.45 -10.39
CA VAL B 392 -20.05 -5.18 -11.32
C VAL B 392 -20.82 -6.15 -10.42
N GLY B 393 -22.10 -5.90 -10.24
CA GLY B 393 -22.96 -6.76 -9.41
C GLY B 393 -23.39 -8.00 -10.18
N ILE B 394 -23.32 -9.17 -9.55
CA ILE B 394 -23.62 -10.47 -10.20
C ILE B 394 -25.10 -10.77 -10.03
N LEU B 395 -25.85 -10.86 -11.13
CA LEU B 395 -27.22 -11.46 -11.12
C LEU B 395 -27.21 -12.79 -11.86
N ASN B 396 -26.99 -13.88 -11.13
CA ASN B 396 -27.18 -15.29 -11.56
C ASN B 396 -28.64 -15.66 -11.37
N VAL B 397 -29.42 -15.67 -12.45
CA VAL B 397 -30.87 -16.03 -12.39
C VAL B 397 -31.03 -17.57 -12.40
N ASN B 398 -29.94 -18.31 -12.08
CA ASN B 398 -29.94 -19.75 -11.68
C ASN B 398 -30.12 -19.90 -10.16
N TYR B 399 -30.29 -18.77 -9.44
CA TYR B 399 -30.13 -18.58 -7.96
C TYR B 399 -28.77 -17.92 -7.70
N VAL B 409 -37.91 -19.32 -11.82
CA VAL B 409 -37.59 -18.15 -10.93
C VAL B 409 -38.65 -17.06 -11.15
N GLU B 410 -38.66 -16.05 -10.25
CA GLU B 410 -39.58 -14.89 -10.28
C GLU B 410 -38.82 -13.71 -10.88
N PRO B 411 -38.92 -13.44 -12.21
CA PRO B 411 -38.32 -12.25 -12.81
C PRO B 411 -38.52 -10.97 -11.99
N LYS B 412 -39.67 -10.84 -11.31
CA LYS B 412 -39.99 -9.69 -10.43
C LYS B 412 -38.96 -9.61 -9.30
N ARG B 413 -38.64 -10.75 -8.67
CA ARG B 413 -37.59 -10.89 -7.62
C ARG B 413 -36.25 -10.39 -8.18
N ALA B 414 -35.77 -11.03 -9.25
CA ALA B 414 -34.49 -10.75 -9.94
C ALA B 414 -34.39 -9.27 -10.31
N VAL B 415 -35.46 -8.68 -10.85
CA VAL B 415 -35.45 -7.24 -11.25
C VAL B 415 -35.47 -6.38 -9.97
N GLN B 416 -36.05 -6.86 -8.87
CA GLN B 416 -35.92 -6.21 -7.53
C GLN B 416 -34.42 -6.16 -7.15
N ARG B 417 -33.73 -7.29 -7.33
CA ARG B 417 -32.28 -7.49 -6.97
C ARG B 417 -31.41 -6.54 -7.80
N MET B 418 -31.79 -6.30 -9.06
CA MET B 418 -31.03 -5.38 -9.93
C MET B 418 -31.10 -3.97 -9.35
N PHE B 419 -32.25 -3.54 -8.82
CA PHE B 419 -32.47 -2.18 -8.27
C PHE B 419 -31.73 -2.07 -6.93
N GLU B 420 -31.93 -3.05 -6.05
CA GLU B 420 -31.15 -3.27 -4.81
C GLU B 420 -29.67 -2.99 -5.09
N MET B 421 -29.10 -3.66 -6.10
CA MET B 421 -27.65 -3.60 -6.45
C MET B 421 -27.27 -2.20 -6.94
N ILE B 422 -28.14 -1.57 -7.71
CA ILE B 422 -27.90 -0.18 -8.22
C ILE B 422 -27.80 0.73 -7.00
N ASN B 423 -28.67 0.51 -6.00
CA ASN B 423 -28.75 1.35 -4.78
C ASN B 423 -27.56 1.03 -3.86
N GLU B 424 -27.08 -0.22 -3.83
CA GLU B 424 -25.89 -0.58 -3.02
C GLU B 424 -24.61 -0.05 -3.70
N GLY B 425 -24.66 0.38 -4.95
CA GLY B 425 -23.53 1.09 -5.59
C GLY B 425 -22.93 0.42 -6.83
N ALA B 426 -23.50 -0.66 -7.36
CA ALA B 426 -23.03 -1.30 -8.61
C ALA B 426 -23.04 -0.30 -9.80
N SER B 427 -21.89 0.00 -10.39
CA SER B 427 -21.75 0.70 -11.70
C SER B 427 -22.30 -0.18 -12.85
N VAL B 428 -22.21 -1.51 -12.72
CA VAL B 428 -22.49 -2.50 -13.80
C VAL B 428 -23.27 -3.67 -13.20
N ILE B 429 -24.19 -4.25 -13.98
CA ILE B 429 -24.93 -5.50 -13.61
C ILE B 429 -24.55 -6.58 -14.63
N ASP B 430 -24.06 -7.73 -14.15
CA ASP B 430 -23.64 -8.88 -14.99
C ASP B 430 -24.68 -9.98 -14.85
N ILE B 431 -25.59 -10.08 -15.83
CA ILE B 431 -26.69 -11.09 -15.80
C ILE B 431 -26.24 -12.37 -16.50
N GLY B 432 -26.57 -13.52 -15.91
CA GLY B 432 -26.35 -14.86 -16.48
C GLY B 432 -27.34 -15.87 -15.94
N GLY B 433 -27.66 -16.89 -16.73
CA GLY B 433 -28.66 -17.94 -16.40
C GLY B 433 -28.03 -19.29 -16.12
N GLU B 434 -27.08 -19.72 -16.96
CA GLU B 434 -26.40 -21.05 -16.88
C GLU B 434 -25.77 -21.25 -15.49
N LYS B 445 -36.27 -28.96 -17.79
CA LYS B 445 -35.10 -28.22 -18.34
C LYS B 445 -35.62 -26.94 -19.04
N ILE B 446 -35.12 -25.77 -18.64
CA ILE B 446 -35.51 -24.46 -19.25
C ILE B 446 -34.27 -23.65 -19.68
N SER B 447 -34.35 -23.08 -20.89
CA SER B 447 -33.21 -22.50 -21.66
C SER B 447 -32.71 -21.22 -20.98
N GLU B 448 -31.47 -20.82 -21.28
CA GLU B 448 -30.83 -19.63 -20.65
C GLU B 448 -31.51 -18.38 -21.20
N ARG B 449 -31.97 -18.45 -22.45
CA ARG B 449 -32.71 -17.36 -23.14
C ARG B 449 -34.00 -17.04 -22.37
N ASP B 450 -34.70 -18.08 -21.89
CA ASP B 450 -35.99 -17.92 -21.18
C ASP B 450 -35.73 -17.46 -19.75
N LEU B 451 -34.53 -17.75 -19.22
CA LEU B 451 -34.10 -17.28 -17.87
C LEU B 451 -33.64 -15.81 -17.95
N VAL B 452 -33.09 -15.31 -19.06
CA VAL B 452 -32.42 -13.98 -19.00
C VAL B 452 -33.12 -12.89 -19.84
N VAL B 453 -33.73 -13.22 -20.98
CA VAL B 453 -34.34 -12.15 -21.83
C VAL B 453 -35.57 -11.58 -21.14
N PRO B 454 -36.45 -12.40 -20.48
CA PRO B 454 -37.61 -11.86 -19.79
C PRO B 454 -37.17 -10.84 -18.72
N VAL B 455 -36.18 -11.22 -17.91
CA VAL B 455 -35.58 -10.41 -16.82
C VAL B 455 -35.07 -9.09 -17.42
N LEU B 456 -34.30 -9.16 -18.49
CA LEU B 456 -33.65 -7.95 -19.06
C LEU B 456 -34.72 -7.03 -19.64
N GLN B 457 -35.86 -7.60 -20.05
CA GLN B 457 -36.95 -6.87 -20.75
C GLN B 457 -37.87 -6.24 -19.70
N LEU B 458 -38.25 -7.02 -18.68
CA LEU B 458 -38.95 -6.50 -17.47
C LEU B 458 -38.12 -5.32 -16.91
N PHE B 459 -36.82 -5.54 -16.69
CA PHE B 459 -35.89 -4.51 -16.15
C PHE B 459 -36.02 -3.28 -17.04
N GLN B 460 -35.74 -3.41 -18.34
CA GLN B 460 -35.67 -2.24 -19.27
C GLN B 460 -37.02 -1.52 -19.29
N LYS B 461 -38.12 -2.21 -18.97
CA LYS B 461 -39.47 -1.60 -18.87
C LYS B 461 -39.62 -0.91 -17.53
N GLU B 462 -39.28 -1.59 -16.42
CA GLU B 462 -39.39 -1.04 -15.04
C GLU B 462 -38.54 0.23 -14.91
N TRP B 463 -37.48 0.36 -15.72
CA TRP B 463 -36.61 1.58 -15.81
C TRP B 463 -37.34 2.69 -16.59
N ASN B 464 -38.42 2.34 -17.30
CA ASN B 464 -39.32 3.30 -18.00
C ASN B 464 -40.38 3.82 -17.03
N ASP B 465 -40.56 3.15 -15.87
CA ASP B 465 -41.35 3.68 -14.72
C ASP B 465 -40.43 4.56 -13.85
N ILE B 466 -39.78 5.57 -14.46
CA ILE B 466 -38.82 6.49 -13.78
C ILE B 466 -39.16 7.96 -14.06
N LYS B 467 -40.21 8.24 -14.85
CA LYS B 467 -40.72 9.62 -15.14
C LYS B 467 -40.59 10.51 -13.90
N CYS B 473 -32.44 11.61 -12.98
CA CYS B 473 -32.49 11.66 -14.46
C CYS B 473 -32.03 10.31 -15.06
N ASP B 474 -30.72 10.13 -15.24
CA ASP B 474 -30.11 8.90 -15.82
C ASP B 474 -28.74 8.64 -15.18
N ALA B 475 -28.74 8.00 -14.01
CA ALA B 475 -27.58 7.29 -13.39
C ALA B 475 -27.75 5.79 -13.62
N LYS B 476 -27.93 5.41 -14.89
CA LYS B 476 -28.42 4.06 -15.31
C LYS B 476 -27.27 3.05 -15.25
N PRO B 477 -27.54 1.79 -14.87
CA PRO B 477 -26.50 0.77 -14.81
C PRO B 477 -26.19 0.30 -16.22
N ILE B 478 -24.90 0.11 -16.48
CA ILE B 478 -24.36 -0.64 -17.64
C ILE B 478 -24.68 -2.13 -17.47
N ILE B 479 -25.23 -2.76 -18.51
CA ILE B 479 -25.67 -4.18 -18.49
C ILE B 479 -24.67 -5.07 -19.23
N SER B 480 -24.21 -6.10 -18.52
CA SER B 480 -23.27 -7.13 -18.99
C SER B 480 -24.06 -8.42 -19.03
N ILE B 481 -23.93 -9.21 -20.11
CA ILE B 481 -24.56 -10.57 -20.17
C ILE B 481 -23.47 -11.62 -20.24
N ASP B 482 -23.54 -12.57 -19.30
CA ASP B 482 -22.59 -13.70 -19.14
C ASP B 482 -23.08 -14.84 -20.04
N THR B 483 -22.83 -14.70 -21.33
CA THR B 483 -23.26 -15.67 -22.38
C THR B 483 -22.06 -15.98 -23.27
N ILE B 484 -22.03 -17.20 -23.82
CA ILE B 484 -21.16 -17.62 -24.97
C ILE B 484 -22.05 -18.08 -26.11
N ASN B 485 -23.38 -17.92 -25.96
CA ASN B 485 -24.41 -18.36 -26.92
C ASN B 485 -24.67 -17.20 -27.89
N TYR B 486 -24.25 -17.32 -29.15
CA TYR B 486 -24.43 -16.29 -30.22
C TYR B 486 -25.89 -15.83 -30.21
N ASN B 487 -26.85 -16.77 -30.24
CA ASN B 487 -28.30 -16.45 -30.38
C ASN B 487 -28.80 -15.64 -29.19
N VAL B 488 -28.41 -16.00 -27.98
CA VAL B 488 -28.85 -15.28 -26.73
C VAL B 488 -28.34 -13.82 -26.80
N PHE B 489 -27.14 -13.59 -27.30
CA PHE B 489 -26.53 -12.24 -27.32
C PHE B 489 -27.22 -11.43 -28.42
N LYS B 490 -27.41 -12.03 -29.60
CA LYS B 490 -28.12 -11.43 -30.76
C LYS B 490 -29.52 -10.95 -30.35
N GLU B 491 -30.31 -11.80 -29.69
CA GLU B 491 -31.65 -11.37 -29.22
C GLU B 491 -31.47 -10.09 -28.40
N CYS B 492 -30.65 -10.14 -27.35
CA CYS B 492 -30.44 -9.04 -26.37
C CYS B 492 -30.03 -7.75 -27.10
N VAL B 493 -29.15 -7.87 -28.08
CA VAL B 493 -28.54 -6.71 -28.82
C VAL B 493 -29.57 -6.09 -29.78
N ASP B 494 -30.49 -6.88 -30.36
CA ASP B 494 -31.53 -6.39 -31.31
C ASP B 494 -32.66 -5.69 -30.52
N ASN B 495 -32.85 -6.05 -29.24
CA ASN B 495 -33.88 -5.47 -28.34
C ASN B 495 -33.25 -4.43 -27.37
N ASP B 496 -32.03 -3.97 -27.63
CA ASP B 496 -31.27 -2.99 -26.80
C ASP B 496 -31.43 -3.30 -25.30
N LEU B 497 -31.17 -4.54 -24.89
CA LEU B 497 -31.26 -4.97 -23.45
C LEU B 497 -29.89 -5.04 -22.79
N VAL B 498 -28.77 -4.95 -23.53
CA VAL B 498 -27.41 -5.15 -22.98
C VAL B 498 -26.43 -4.20 -23.64
N ASP B 499 -25.36 -3.83 -22.92
CA ASP B 499 -24.25 -2.96 -23.41
C ASP B 499 -22.97 -3.77 -23.62
N ILE B 500 -22.77 -4.88 -22.89
CA ILE B 500 -21.47 -5.60 -22.88
C ILE B 500 -21.70 -7.10 -23.03
N LEU B 501 -20.81 -7.75 -23.80
CA LEU B 501 -20.64 -9.22 -23.86
C LEU B 501 -19.58 -9.63 -22.84
N ASN B 502 -19.99 -10.38 -21.82
CA ASN B 502 -19.05 -11.12 -20.94
C ASN B 502 -18.94 -12.55 -21.49
N ASP B 503 -17.96 -12.81 -22.35
CA ASP B 503 -17.68 -14.14 -22.96
C ASP B 503 -16.53 -14.83 -22.24
N ILE B 504 -16.84 -15.87 -21.45
CA ILE B 504 -15.84 -16.54 -20.56
C ILE B 504 -15.02 -17.53 -21.37
N SER B 505 -15.35 -17.69 -22.66
CA SER B 505 -14.56 -18.50 -23.62
C SER B 505 -13.59 -17.60 -24.40
N ALA B 506 -13.58 -16.30 -24.11
CA ALA B 506 -12.80 -15.27 -24.84
C ALA B 506 -13.19 -15.31 -26.32
N CYS B 507 -14.47 -15.54 -26.61
CA CYS B 507 -15.02 -15.49 -27.99
C CYS B 507 -14.43 -16.64 -28.82
N THR B 508 -14.28 -17.79 -28.19
CA THR B 508 -13.56 -18.98 -28.70
C THR B 508 -14.58 -20.11 -28.88
N ASN B 509 -15.64 -20.11 -28.09
CA ASN B 509 -16.81 -21.01 -28.27
C ASN B 509 -17.40 -20.76 -29.66
N ASN B 510 -17.47 -19.51 -30.07
CA ASN B 510 -18.15 -19.13 -31.33
C ASN B 510 -17.64 -17.77 -31.79
N PRO B 511 -16.47 -17.71 -32.48
CA PRO B 511 -15.90 -16.43 -32.90
C PRO B 511 -16.85 -15.50 -33.65
N GLU B 512 -17.92 -16.05 -34.23
CA GLU B 512 -18.97 -15.28 -34.94
C GLU B 512 -19.62 -14.27 -33.98
N ILE B 513 -19.50 -14.46 -32.66
CA ILE B 513 -20.18 -13.57 -31.67
C ILE B 513 -19.60 -12.16 -31.80
N ILE B 514 -18.34 -12.07 -32.23
CA ILE B 514 -17.61 -10.81 -32.49
C ILE B 514 -18.38 -9.95 -33.49
N LYS B 515 -19.01 -10.58 -34.48
CA LYS B 515 -19.82 -9.89 -35.53
C LYS B 515 -20.95 -9.08 -34.88
N LEU B 516 -21.47 -9.49 -33.72
CA LEU B 516 -22.62 -8.85 -33.02
C LEU B 516 -22.14 -7.63 -32.20
N LEU B 517 -20.84 -7.48 -31.95
CA LEU B 517 -20.29 -6.33 -31.19
C LEU B 517 -20.25 -5.06 -32.07
N LYS B 518 -20.37 -5.23 -33.38
CA LYS B 518 -20.46 -4.13 -34.38
C LYS B 518 -21.90 -4.03 -34.89
N LYS B 519 -22.37 -2.81 -35.11
CA LYS B 519 -23.61 -2.51 -35.88
C LYS B 519 -23.28 -1.44 -36.93
N LYS B 520 -24.28 -1.03 -37.69
CA LYS B 520 -24.16 0.11 -38.65
C LYS B 520 -23.55 1.29 -37.91
N ASN B 521 -24.15 1.69 -36.78
CA ASN B 521 -23.71 2.85 -35.96
C ASN B 521 -23.06 2.36 -34.65
N LYS B 522 -23.77 1.47 -33.95
CA LYS B 522 -23.48 1.01 -32.56
C LYS B 522 -22.17 0.24 -32.45
N PHE B 523 -21.61 0.23 -31.25
CA PHE B 523 -20.48 -0.64 -30.81
C PHE B 523 -20.80 -1.11 -29.39
N TYR B 524 -20.58 -2.39 -29.11
CA TYR B 524 -20.72 -2.99 -27.75
C TYR B 524 -19.33 -3.38 -27.29
N SER B 525 -19.07 -3.24 -26.00
CA SER B 525 -17.77 -3.61 -25.40
C SER B 525 -17.84 -5.07 -24.95
N VAL B 526 -16.67 -5.69 -24.77
CA VAL B 526 -16.62 -7.16 -24.50
C VAL B 526 -15.60 -7.45 -23.41
N VAL B 527 -15.88 -8.42 -22.56
CA VAL B 527 -14.88 -8.98 -21.60
C VAL B 527 -14.36 -10.31 -22.14
N LEU B 528 -13.06 -10.44 -22.36
CA LEU B 528 -12.40 -11.70 -22.78
C LEU B 528 -11.77 -12.36 -21.53
N MET B 529 -12.33 -13.46 -21.05
CA MET B 529 -11.77 -14.23 -19.91
C MET B 529 -10.93 -15.41 -20.41
N HIS B 530 -9.82 -15.70 -19.73
CA HIS B 530 -9.07 -16.98 -19.91
C HIS B 530 -9.64 -18.13 -19.06
N LYS B 531 -9.82 -19.28 -19.70
CA LYS B 531 -10.06 -20.56 -18.98
C LYS B 531 -9.55 -21.71 -19.85
N ARG B 532 -9.68 -22.93 -19.34
CA ARG B 532 -9.50 -24.18 -20.12
C ARG B 532 -10.59 -25.14 -19.71
N GLY B 533 -11.18 -25.81 -20.69
CA GLY B 533 -12.22 -26.82 -20.47
C GLY B 533 -13.49 -26.20 -19.92
N ASN B 534 -14.22 -27.01 -19.16
CA ASN B 534 -15.61 -26.74 -18.73
C ASN B 534 -15.57 -26.84 -17.23
N PRO B 535 -16.70 -26.64 -16.53
CA PRO B 535 -16.70 -26.74 -15.06
C PRO B 535 -16.43 -28.15 -14.52
N HIS B 536 -16.72 -29.20 -15.29
CA HIS B 536 -16.50 -30.62 -14.88
C HIS B 536 -15.00 -30.96 -14.94
N THR B 537 -14.20 -30.35 -15.82
CA THR B 537 -12.82 -30.80 -16.16
C THR B 537 -11.74 -29.77 -15.78
N MET B 538 -12.06 -28.49 -15.64
CA MET B 538 -11.05 -27.39 -15.58
C MET B 538 -10.10 -27.52 -14.36
N ASP B 539 -10.53 -28.14 -13.25
CA ASP B 539 -9.69 -28.23 -12.02
C ASP B 539 -8.44 -29.08 -12.28
N LYS B 540 -8.41 -29.85 -13.36
CA LYS B 540 -7.29 -30.78 -13.64
C LYS B 540 -6.41 -30.25 -14.77
N LEU B 541 -6.79 -29.10 -15.35
CA LEU B 541 -6.18 -28.53 -16.58
C LEU B 541 -5.27 -27.37 -16.17
N THR B 542 -4.41 -27.63 -15.19
CA THR B 542 -3.68 -26.59 -14.43
C THR B 542 -2.17 -26.58 -14.70
N ASN B 543 -1.62 -27.31 -15.67
CA ASN B 543 -0.16 -27.20 -15.94
C ASN B 543 0.04 -26.08 -16.96
N TYR B 544 0.92 -25.11 -16.67
CA TYR B 544 1.25 -23.99 -17.56
C TYR B 544 2.76 -23.82 -17.67
N ASP B 545 3.23 -23.46 -18.86
CA ASP B 545 4.67 -23.19 -19.10
C ASP B 545 5.03 -21.99 -18.23
N ASN B 546 4.37 -20.86 -18.47
CA ASN B 546 4.54 -19.62 -17.68
C ASN B 546 3.13 -19.10 -17.37
N LEU B 547 2.60 -19.49 -16.23
CA LEU B 547 1.21 -19.17 -15.82
C LEU B 547 0.86 -17.74 -16.23
N VAL B 548 1.57 -16.76 -15.67
CA VAL B 548 1.25 -15.29 -15.81
C VAL B 548 1.29 -14.89 -17.30
N TYR B 549 2.34 -15.24 -18.01
CA TYR B 549 2.62 -14.71 -19.37
C TYR B 549 1.82 -15.49 -20.43
N ASP B 550 1.65 -16.80 -20.24
CA ASP B 550 0.75 -17.61 -21.08
C ASP B 550 -0.66 -16.97 -21.10
N ILE B 551 -1.17 -16.58 -19.93
CA ILE B 551 -2.55 -16.03 -19.85
C ILE B 551 -2.58 -14.62 -20.46
N LYS B 552 -1.53 -13.83 -20.22
CA LYS B 552 -1.44 -12.47 -20.82
C LYS B 552 -1.40 -12.59 -22.34
N ASN B 553 -0.49 -13.43 -22.86
CA ASN B 553 -0.28 -13.63 -24.32
C ASN B 553 -1.58 -14.16 -24.94
N TYR B 554 -2.25 -15.11 -24.29
CA TYR B 554 -3.58 -15.60 -24.70
C TYR B 554 -4.54 -14.42 -24.89
N LEU B 555 -4.70 -13.56 -23.88
CA LEU B 555 -5.68 -12.44 -23.96
C LEU B 555 -5.22 -11.41 -24.99
N GLU B 556 -3.92 -11.14 -25.05
CA GLU B 556 -3.30 -10.28 -26.11
C GLU B 556 -3.52 -10.88 -27.51
N GLN B 557 -3.20 -12.15 -27.79
CA GLN B 557 -3.51 -12.75 -29.12
C GLN B 557 -5.02 -12.53 -29.36
N ARG B 558 -5.83 -12.75 -28.33
CA ARG B 558 -7.29 -12.67 -28.48
C ARG B 558 -7.72 -11.24 -28.83
N LEU B 559 -7.19 -10.21 -28.16
CA LEU B 559 -7.52 -8.80 -28.50
C LEU B 559 -7.05 -8.53 -29.93
N ASN B 560 -5.84 -8.94 -30.32
CA ASN B 560 -5.36 -8.77 -31.72
C ASN B 560 -6.43 -9.29 -32.70
N PHE B 561 -7.08 -10.41 -32.41
CA PHE B 561 -8.06 -11.01 -33.33
C PHE B 561 -9.26 -10.07 -33.49
N LEU B 562 -9.89 -9.67 -32.38
CA LEU B 562 -11.04 -8.73 -32.40
C LEU B 562 -10.63 -7.42 -33.09
N VAL B 563 -9.43 -6.92 -32.84
CA VAL B 563 -9.00 -5.60 -33.39
C VAL B 563 -8.80 -5.75 -34.90
N LEU B 564 -8.12 -6.82 -35.33
CA LEU B 564 -7.98 -7.17 -36.78
C LEU B 564 -9.36 -7.13 -37.46
N ASN B 565 -10.44 -7.31 -36.70
CA ASN B 565 -11.83 -7.43 -37.22
C ASN B 565 -12.65 -6.19 -36.85
N GLY B 566 -12.01 -5.04 -36.60
CA GLY B 566 -12.68 -3.73 -36.51
C GLY B 566 -13.49 -3.57 -35.23
N ILE B 567 -13.21 -4.38 -34.22
CA ILE B 567 -13.64 -4.12 -32.81
C ILE B 567 -12.68 -3.06 -32.26
N PRO B 568 -13.18 -1.91 -31.75
CA PRO B 568 -12.32 -0.83 -31.29
C PRO B 568 -11.56 -1.29 -30.04
N ARG B 569 -10.24 -1.15 -30.06
CA ARG B 569 -9.32 -1.67 -29.02
C ARG B 569 -9.79 -1.23 -27.62
N TYR B 570 -10.29 0.00 -27.50
CA TYR B 570 -10.68 0.66 -26.23
C TYR B 570 -12.01 0.09 -25.70
N ARG B 571 -12.60 -0.93 -26.34
CA ARG B 571 -13.84 -1.60 -25.83
C ARG B 571 -13.59 -3.06 -25.41
N ILE B 572 -12.32 -3.47 -25.31
CA ILE B 572 -11.93 -4.88 -25.02
C ILE B 572 -11.33 -4.89 -23.61
N LEU B 573 -12.02 -5.55 -22.69
CA LEU B 573 -11.56 -5.71 -21.29
C LEU B 573 -10.94 -7.12 -21.12
N PHE B 574 -9.81 -7.21 -20.42
CA PHE B 574 -9.08 -8.46 -20.09
C PHE B 574 -9.57 -9.00 -18.76
N ASP B 575 -9.74 -10.32 -18.68
CA ASP B 575 -10.04 -11.03 -17.41
C ASP B 575 -9.19 -12.28 -17.40
N ILE B 576 -8.50 -12.53 -16.29
CA ILE B 576 -7.54 -13.66 -16.10
C ILE B 576 -8.30 -14.93 -15.74
N GLY B 577 -9.58 -14.85 -15.44
CA GLY B 577 -10.42 -16.00 -15.02
C GLY B 577 -9.87 -16.66 -13.77
N LEU B 578 -9.93 -15.98 -12.64
CA LEU B 578 -9.57 -16.62 -11.35
C LEU B 578 -10.41 -17.89 -11.16
N GLY B 579 -9.75 -18.97 -10.73
CA GLY B 579 -10.39 -20.27 -10.39
C GLY B 579 -10.84 -21.11 -11.60
N PHE B 580 -10.58 -20.66 -12.82
CA PHE B 580 -10.89 -21.40 -14.06
C PHE B 580 -9.61 -22.07 -14.57
N ALA B 581 -9.40 -23.36 -14.26
CA ALA B 581 -8.22 -24.12 -14.74
C ALA B 581 -7.00 -23.51 -14.06
N LYS B 582 -7.21 -23.07 -12.82
CA LYS B 582 -6.17 -22.49 -11.96
C LYS B 582 -6.28 -23.13 -10.58
N LYS B 583 -5.19 -23.68 -10.08
CA LYS B 583 -5.11 -24.06 -8.65
C LYS B 583 -5.16 -22.78 -7.80
N HIS B 584 -5.54 -22.96 -6.54
CA HIS B 584 -5.66 -21.84 -5.57
C HIS B 584 -4.38 -21.00 -5.56
N ASP B 585 -3.19 -21.63 -5.49
CA ASP B 585 -1.87 -20.96 -5.47
C ASP B 585 -1.64 -20.19 -6.78
N GLN B 586 -2.19 -20.67 -7.89
CA GLN B 586 -2.05 -20.02 -9.22
C GLN B 586 -3.03 -18.86 -9.31
N SER B 587 -4.23 -18.98 -8.73
CA SER B 587 -5.19 -17.85 -8.67
C SER B 587 -4.51 -16.68 -7.92
N ILE B 588 -3.86 -17.00 -6.81
CA ILE B 588 -3.09 -16.04 -5.96
C ILE B 588 -1.96 -15.45 -6.82
N LYS B 589 -1.18 -16.32 -7.47
CA LYS B 589 0.00 -15.87 -8.26
C LYS B 589 -0.48 -14.93 -9.36
N LEU B 590 -1.66 -15.18 -9.92
CA LEU B 590 -2.22 -14.26 -10.95
C LEU B 590 -2.50 -12.89 -10.30
N LEU B 591 -2.99 -12.88 -9.06
CA LEU B 591 -3.31 -11.60 -8.36
C LEU B 591 -1.99 -10.90 -8.00
N GLN B 592 -1.00 -11.64 -7.48
CA GLN B 592 0.35 -11.12 -7.09
C GLN B 592 1.00 -10.45 -8.29
N ASN B 593 0.71 -10.93 -9.51
CA ASN B 593 1.33 -10.42 -10.75
C ASN B 593 0.31 -9.68 -11.59
N ILE B 594 -0.68 -9.01 -10.99
CA ILE B 594 -1.75 -8.32 -11.76
C ILE B 594 -1.19 -7.06 -12.44
N HIS B 595 -0.05 -6.52 -11.97
CA HIS B 595 0.63 -5.31 -12.53
C HIS B 595 0.92 -5.51 -14.02
N VAL B 596 0.99 -6.76 -14.43
CA VAL B 596 1.31 -7.14 -15.82
C VAL B 596 0.18 -6.68 -16.77
N TYR B 597 -0.98 -6.23 -16.25
CA TYR B 597 -2.15 -5.65 -16.99
C TYR B 597 -2.28 -4.11 -16.76
N ASP B 598 -1.19 -3.43 -16.39
CA ASP B 598 -1.19 -1.97 -16.11
C ASP B 598 -1.59 -1.13 -17.36
N GLU B 599 -1.32 -1.61 -18.57
CA GLU B 599 -1.66 -0.88 -19.82
C GLU B 599 -3.10 -1.12 -20.24
N TYR B 600 -3.76 -2.13 -19.67
CA TYR B 600 -5.02 -2.69 -20.24
C TYR B 600 -6.19 -2.49 -19.28
N PRO B 601 -7.43 -2.38 -19.82
CA PRO B 601 -8.62 -2.44 -19.00
C PRO B 601 -8.71 -3.87 -18.44
N LEU B 602 -8.76 -3.96 -17.12
CA LEU B 602 -8.74 -5.23 -16.37
C LEU B 602 -10.08 -5.40 -15.67
N PHE B 603 -10.69 -6.56 -15.83
CA PHE B 603 -11.96 -6.99 -15.19
C PHE B 603 -11.66 -8.32 -14.52
N ILE B 604 -11.89 -8.48 -13.21
CA ILE B 604 -11.58 -9.76 -12.49
C ILE B 604 -12.77 -10.16 -11.62
N GLY B 605 -12.85 -11.47 -11.34
CA GLY B 605 -13.92 -12.08 -10.54
C GLY B 605 -13.33 -13.01 -9.53
N TYR B 606 -13.21 -12.56 -8.28
CA TYR B 606 -12.71 -13.40 -7.17
C TYR B 606 -13.90 -13.89 -6.36
N SER B 607 -15.06 -13.23 -6.52
CA SER B 607 -16.11 -13.26 -5.48
C SER B 607 -16.57 -14.70 -5.19
N ARG B 608 -16.36 -15.10 -3.95
CA ARG B 608 -16.90 -16.32 -3.32
C ARG B 608 -16.22 -17.57 -3.85
N LYS B 609 -15.10 -17.42 -4.55
CA LYS B 609 -14.38 -18.57 -5.18
C LYS B 609 -13.65 -19.31 -4.07
N ARG B 610 -13.24 -20.54 -4.36
CA ARG B 610 -12.72 -21.51 -3.37
C ARG B 610 -11.29 -21.17 -2.97
N PHE B 611 -10.54 -20.39 -3.75
CA PHE B 611 -9.12 -20.09 -3.44
C PHE B 611 -9.05 -19.13 -2.23
N ILE B 612 -10.07 -18.27 -2.05
CA ILE B 612 -10.17 -17.31 -0.93
C ILE B 612 -10.06 -18.12 0.38
N ALA B 613 -10.85 -19.19 0.49
CA ALA B 613 -10.92 -20.11 1.64
C ALA B 613 -9.55 -20.75 1.89
N HIS B 614 -8.86 -21.09 0.80
CA HIS B 614 -7.49 -21.68 0.81
C HIS B 614 -6.54 -20.74 1.54
N CYS B 615 -6.80 -19.42 1.50
CA CYS B 615 -5.94 -18.36 2.11
C CYS B 615 -6.05 -18.35 3.64
N MET B 616 -7.05 -19.03 4.21
CA MET B 616 -7.46 -18.83 5.63
C MET B 616 -7.13 -20.07 6.47
N ASN B 617 -6.90 -19.84 7.76
CA ASN B 617 -6.65 -20.88 8.79
C ASN B 617 -8.01 -21.49 9.19
N ASP B 657 -22.93 -21.89 13.27
CA ASP B 657 -22.23 -23.20 13.22
C ASP B 657 -21.11 -23.13 12.17
N LYS B 658 -20.46 -24.27 11.85
CA LYS B 658 -19.15 -24.33 11.15
C LYS B 658 -19.29 -24.05 9.65
N ASP B 659 -20.35 -24.52 8.99
CA ASP B 659 -20.56 -24.33 7.53
C ASP B 659 -20.76 -22.84 7.23
N GLN B 660 -21.68 -22.18 7.94
CA GLN B 660 -22.03 -20.74 7.76
C GLN B 660 -20.82 -19.86 8.10
N LEU B 661 -19.90 -20.39 8.90
CA LEU B 661 -18.64 -19.69 9.30
C LEU B 661 -17.72 -19.58 8.08
N LEU B 662 -17.48 -20.68 7.38
CA LEU B 662 -16.62 -20.69 6.17
C LEU B 662 -17.16 -19.69 5.14
N TYR B 663 -18.48 -19.59 5.01
CA TYR B 663 -19.19 -18.76 4.01
C TYR B 663 -18.99 -17.28 4.35
N GLN B 664 -19.09 -16.90 5.63
CA GLN B 664 -18.84 -15.50 6.09
C GLN B 664 -17.37 -15.11 5.83
N LYS B 665 -16.41 -15.96 6.24
CA LYS B 665 -14.96 -15.76 5.97
C LYS B 665 -14.74 -15.52 4.48
N ASN B 666 -15.51 -16.21 3.64
CA ASN B 666 -15.28 -16.18 2.18
C ASN B 666 -15.67 -14.77 1.69
N ILE B 667 -16.78 -14.23 2.21
CA ILE B 667 -17.24 -12.86 1.82
C ILE B 667 -16.22 -11.85 2.33
N CYS B 668 -15.73 -12.06 3.56
CA CYS B 668 -14.81 -11.14 4.27
C CYS B 668 -13.44 -11.16 3.59
N GLY B 669 -12.88 -12.34 3.29
CA GLY B 669 -11.64 -12.49 2.50
C GLY B 669 -11.74 -11.85 1.13
N GLY B 670 -12.93 -11.85 0.53
CA GLY B 670 -13.17 -11.17 -0.75
C GLY B 670 -12.96 -9.67 -0.61
N LEU B 671 -13.32 -9.09 0.52
CA LEU B 671 -13.19 -7.63 0.79
C LEU B 671 -11.71 -7.22 0.81
N ALA B 672 -10.82 -8.09 1.31
CA ALA B 672 -9.34 -7.99 1.15
C ALA B 672 -8.93 -7.90 -0.34
N ILE B 673 -9.58 -8.65 -1.23
CA ILE B 673 -9.20 -8.66 -2.67
C ILE B 673 -9.70 -7.37 -3.31
N ALA B 674 -10.86 -6.89 -2.88
CA ALA B 674 -11.42 -5.58 -3.32
C ALA B 674 -10.42 -4.48 -2.96
N SER B 675 -9.83 -4.61 -1.77
CA SER B 675 -8.88 -3.65 -1.18
C SER B 675 -7.63 -3.67 -2.05
N TYR B 676 -7.10 -4.87 -2.23
CA TYR B 676 -5.91 -5.16 -3.09
C TYR B 676 -6.17 -4.59 -4.48
N SER B 677 -7.36 -4.87 -5.01
CA SER B 677 -7.75 -4.49 -6.40
C SER B 677 -7.80 -2.97 -6.49
N TYR B 678 -8.37 -2.31 -5.48
CA TYR B 678 -8.42 -0.81 -5.38
C TYR B 678 -7.01 -0.24 -5.50
N TYR B 679 -6.03 -0.81 -4.79
CA TYR B 679 -4.64 -0.26 -4.76
C TYR B 679 -3.90 -0.64 -6.03
N LYS B 680 -4.27 -1.76 -6.65
CA LYS B 680 -3.68 -2.19 -7.94
C LYS B 680 -4.44 -1.56 -9.10
N LYS B 681 -5.47 -0.76 -8.83
CA LYS B 681 -6.19 0.07 -9.84
C LYS B 681 -6.88 -0.82 -10.87
N VAL B 682 -7.44 -1.95 -10.43
CA VAL B 682 -8.21 -2.90 -11.25
C VAL B 682 -9.45 -2.15 -11.70
N ASP B 683 -9.74 -2.14 -12.99
CA ASP B 683 -10.79 -1.26 -13.57
C ASP B 683 -12.18 -1.76 -13.15
N LEU B 684 -12.43 -3.08 -13.11
CA LEU B 684 -13.75 -3.63 -12.71
C LEU B 684 -13.54 -4.91 -11.89
N ILE B 685 -14.38 -5.11 -10.88
CA ILE B 685 -14.41 -6.32 -10.02
C ILE B 685 -15.87 -6.82 -9.93
N ARG B 686 -16.05 -8.09 -10.28
CA ARG B 686 -17.36 -8.75 -10.40
C ARG B 686 -17.64 -9.41 -9.06
N VAL B 687 -18.65 -8.94 -8.32
CA VAL B 687 -18.88 -9.35 -6.90
C VAL B 687 -20.36 -9.62 -6.68
N HIS B 688 -20.62 -10.54 -5.75
CA HIS B 688 -21.95 -10.92 -5.23
C HIS B 688 -22.42 -9.87 -4.20
N ASP B 689 -21.52 -9.42 -3.32
CA ASP B 689 -21.80 -8.61 -2.11
C ASP B 689 -21.51 -7.14 -2.41
N VAL B 690 -22.45 -6.47 -3.08
CA VAL B 690 -22.20 -5.11 -3.62
C VAL B 690 -22.02 -4.15 -2.44
N LEU B 691 -22.97 -4.11 -1.52
CA LEU B 691 -22.99 -3.17 -0.37
C LEU B 691 -21.64 -3.17 0.37
N GLU B 692 -21.20 -4.36 0.80
CA GLU B 692 -19.92 -4.58 1.53
C GLU B 692 -18.76 -4.03 0.69
N THR B 693 -18.64 -4.45 -0.57
CA THR B 693 -17.56 -3.99 -1.50
C THR B 693 -17.61 -2.45 -1.60
N LYS B 694 -18.80 -1.89 -1.81
CA LYS B 694 -19.04 -0.43 -1.91
C LYS B 694 -18.58 0.29 -0.62
N SER B 695 -18.91 -0.24 0.55
CA SER B 695 -18.46 0.29 1.86
C SER B 695 -16.93 0.40 1.84
N VAL B 696 -16.27 -0.70 1.50
CA VAL B 696 -14.79 -0.78 1.54
C VAL B 696 -14.24 0.28 0.60
N LEU B 697 -14.68 0.31 -0.64
CA LEU B 697 -14.09 1.18 -1.69
C LEU B 697 -14.30 2.65 -1.30
N ASP B 698 -15.42 3.00 -0.67
CA ASP B 698 -15.71 4.38 -0.24
C ASP B 698 -14.63 4.80 0.78
N VAL B 699 -14.39 3.95 1.79
CA VAL B 699 -13.42 4.25 2.89
C VAL B 699 -12.02 4.36 2.31
N LEU B 700 -11.64 3.49 1.38
CA LEU B 700 -10.30 3.52 0.76
C LEU B 700 -10.20 4.77 -0.12
N THR B 701 -11.28 5.15 -0.80
CA THR B 701 -11.29 6.31 -1.72
C THR B 701 -11.06 7.56 -0.87
N LYS B 702 -11.72 7.63 0.29
CA LYS B 702 -11.66 8.77 1.23
C LYS B 702 -10.21 8.93 1.73
N ILE B 703 -9.64 7.86 2.29
CA ILE B 703 -8.25 7.90 2.81
C ILE B 703 -7.31 8.47 1.74
N ASP B 704 -7.60 8.23 0.46
CA ASP B 704 -6.74 8.64 -0.69
C ASP B 704 -7.06 10.07 -1.15
N GLN B 705 -8.22 10.65 -0.81
CA GLN B 705 -8.59 12.03 -1.26
C GLN B 705 -7.86 13.07 -0.38
N VAL B 706 -6.56 13.31 -0.61
CA VAL B 706 -5.75 14.35 0.10
C VAL B 706 -6.15 15.76 -0.39
N LYS B 707 -6.65 16.60 0.51
CA LYS B 707 -7.02 18.02 0.21
C LYS B 707 -5.79 18.71 -0.42
N ASP B 708 -4.64 18.68 0.26
CA ASP B 708 -3.38 19.36 -0.16
C ASP B 708 -2.27 18.31 -0.18
N PRO B 709 -1.83 17.85 -1.39
CA PRO B 709 -0.77 16.85 -1.50
C PRO B 709 0.67 17.34 -1.26
N ASN B 710 0.84 18.60 -0.87
CA ASN B 710 2.13 19.13 -0.36
C ASN B 710 2.12 19.11 1.17
N SER B 711 0.93 19.05 1.79
CA SER B 711 0.74 19.34 3.23
C SER B 711 1.63 18.45 4.08
N SER B 712 1.87 17.20 3.67
CA SER B 712 2.64 16.25 4.52
C SER B 712 4.06 16.81 4.76
N SER B 713 4.76 17.30 3.73
CA SER B 713 6.12 17.89 3.89
C SER B 713 6.05 19.33 4.45
N VAL B 714 5.05 20.11 4.06
CA VAL B 714 4.85 21.50 4.59
C VAL B 714 4.71 21.40 6.11
N ASP B 715 3.69 20.63 6.54
CA ASP B 715 3.31 20.42 7.95
C ASP B 715 4.52 19.90 8.74
N LYS B 716 5.27 18.97 8.16
CA LYS B 716 6.52 18.46 8.76
C LYS B 716 7.53 19.60 8.93
N LEU B 717 7.73 20.44 7.92
CA LEU B 717 8.69 21.55 8.03
C LEU B 717 8.26 22.53 9.13
N ALA B 718 6.98 22.91 9.14
CA ALA B 718 6.37 23.79 10.17
C ALA B 718 6.77 23.27 11.54
N ALA B 719 6.63 21.97 11.78
CA ALA B 719 6.83 21.37 13.13
C ALA B 719 8.33 21.43 13.47
N ALA B 720 9.20 21.11 12.52
CA ALA B 720 10.68 21.29 12.66
C ALA B 720 11.03 22.76 13.00
N LEU B 721 10.27 23.74 12.52
CA LEU B 721 10.57 25.19 12.68
C LEU B 721 9.97 25.73 13.98
N GLU B 722 8.92 25.08 14.49
CA GLU B 722 8.24 25.41 15.77
C GLU B 722 8.90 24.58 16.86
O3 XTZ C . -9.14 4.39 19.92
C16 XTZ C . -8.99 3.85 21.04
N2 XTZ C . -7.75 3.55 21.43
C3 XTZ C . -10.12 3.54 21.97
N4 XTZ C . -11.43 3.81 21.69
C4 XTZ C . -12.41 3.54 22.57
C15 XTZ C . -12.09 2.90 23.88
N8 XTZ C . -10.68 2.64 24.13
C2 XTZ C . -9.72 2.92 23.25
N3 XTZ C . -8.42 2.66 23.55
C1 XTZ C . -7.47 2.98 22.63
N1 XTZ C . -6.16 2.72 22.89
C5 XTZ C . -13.88 3.84 22.30
N5 XTZ C . -14.14 5.29 22.40
C6 XTZ C . -14.85 6.00 21.45
C14 XTZ C . -15.78 5.34 20.65
C13 XTZ C . -16.41 6.01 19.63
C9 XTZ C . -16.11 7.33 19.34
C8 XTZ C . -15.15 8.01 20.09
C7 XTZ C . -14.52 7.35 21.14
S1 XTZ C . -16.87 7.98 18.09
O1 XTZ C . -15.91 8.26 17.04
O2 XTZ C . -17.76 6.97 17.58
N6 XTZ C . -17.76 9.31 18.36
C10 XTZ C . -17.47 10.59 17.97
S2 XTZ C . -18.62 11.87 18.11
C12 XTZ C . -17.50 13.00 17.40
C11 XTZ C . -16.31 12.37 17.08
N7 XTZ C . -16.31 11.02 17.40
N1 PH2 D . 29.53 -7.48 21.20
C2 PH2 D . 30.71 -8.06 20.97
C3 PH2 D . 31.26 -8.30 19.60
N4 PH2 D . 30.43 -7.78 18.51
N5 PH2 D . 28.31 -7.10 17.71
C6 PH2 D . 27.06 -6.70 17.97
N6 PH2 D . 26.21 -6.42 16.97
N7 PH2 D . 26.60 -6.53 19.25
C8 PH2 D . 27.39 -6.78 20.35
O8 PH2 D . 26.92 -6.63 21.51
C9 PH2 D . 28.70 -7.21 20.10
C10 PH2 D . 29.14 -7.37 18.77
C11 PH2 D . 31.53 -8.45 22.17
O4 PH2 D . 30.73 -8.91 23.25
P PO4 E . -15.45 0.93 22.19
O1 PO4 E . -16.67 0.01 21.96
O2 PO4 E . -15.96 2.29 22.65
O3 PO4 E . -14.66 1.11 20.91
O4 PO4 E . -14.56 0.30 23.27
P AMP F . 34.18 -7.88 27.30
O1P AMP F . 34.59 -9.15 28.04
O2P AMP F . 34.03 -8.03 25.78
O3P AMP F . 33.02 -7.15 27.98
O5' AMP F . 35.49 -6.93 27.46
C5' AMP F . 35.67 -6.27 28.72
C4' AMP F . 37.10 -5.78 28.80
O4' AMP F . 37.18 -4.44 28.26
C3' AMP F . 37.65 -5.69 30.23
O3' AMP F . 39.05 -5.90 30.27
C2' AMP F . 37.33 -4.24 30.58
O2' AMP F . 38.17 -3.76 31.60
C1' AMP F . 37.64 -3.56 29.27
N9 AMP F . 37.01 -2.25 29.10
C8 AMP F . 37.66 -1.10 28.76
N7 AMP F . 36.87 -0.06 28.66
C5 AMP F . 35.61 -0.56 28.97
C6 AMP F . 34.34 0.05 29.03
N6 AMP F . 34.12 1.34 28.77
N1 AMP F . 33.28 -0.72 29.34
C2 AMP F . 33.50 -2.02 29.58
N3 AMP F . 34.65 -2.70 29.56
C4 AMP F . 35.68 -1.91 29.24
MG MG G . 32.04 -5.88 26.31
CA CA H . 17.33 2.80 41.47
C ACT I . -2.85 18.85 21.77
O ACT I . -3.73 18.32 22.50
OXT ACT I . -2.84 20.05 21.45
CH3 ACT I . -1.67 17.99 21.27
C ACT J . 12.58 -0.85 11.91
O ACT J . 13.46 -1.75 12.06
OXT ACT J . 12.78 0.37 12.13
CH3 ACT J . 11.19 -1.25 11.46
P PO4 K . 13.99 7.17 15.91
O1 PO4 K . 13.52 6.34 17.11
O2 PO4 K . 12.91 8.19 15.57
O3 PO4 K . 14.23 6.25 14.71
O4 PO4 K . 15.29 7.90 16.27
P PO4 L . 14.31 11.57 28.63
O1 PO4 L . 14.23 10.21 29.29
O2 PO4 L . 13.95 12.65 29.64
O3 PO4 L . 13.32 11.63 27.45
O4 PO4 L . 15.73 11.78 28.11
O3 XTZ M . -14.25 -14.63 -13.00
C16 XTZ M . -15.19 -14.45 -13.83
N2 XTZ M . -15.07 -13.55 -14.84
C3 XTZ M . -16.46 -15.22 -13.72
N4 XTZ M . -16.66 -16.14 -12.76
C4 XTZ M . -17.81 -16.86 -12.70
C15 XTZ M . -18.90 -16.65 -13.70
N8 XTZ M . -18.63 -15.64 -14.71
C2 XTZ M . -17.49 -14.95 -14.75
N3 XTZ M . -17.24 -14.01 -15.70
C1 XTZ M . -16.06 -13.32 -15.72
N1 XTZ M . -15.81 -12.39 -16.67
C5 XTZ M . -17.98 -17.90 -11.63
N5 XTZ M . -17.04 -19.00 -11.87
C6 XTZ M . -16.50 -19.80 -10.90
C14 XTZ M . -17.06 -19.88 -9.62
C13 XTZ M . -16.44 -20.62 -8.63
C9 XTZ M . -15.22 -21.27 -8.91
C8 XTZ M . -14.64 -21.19 -10.18
C7 XTZ M . -15.29 -20.47 -11.17
S1 XTZ M . -14.52 -22.10 -7.76
O1 XTZ M . -13.29 -21.43 -7.53
O2 XTZ M . -15.40 -22.08 -6.62
N6 XTZ M . -14.13 -23.62 -8.27
C10 XTZ M . -14.88 -24.54 -9.01
S2 XTZ M . -16.55 -24.45 -9.48
C12 XTZ M . -16.45 -25.97 -10.34
C11 XTZ M . -15.16 -26.49 -10.24
N7 XTZ M . -14.29 -25.67 -9.51
C ACT N . -20.94 -16.81 -9.76
O ACT N . -22.01 -16.97 -9.10
OXT ACT N . -20.90 -16.48 -10.98
CH3 ACT N . -19.63 -17.04 -9.03
P AMP O . -6.05 21.03 -40.31
O1P AMP O . -7.31 20.19 -40.17
O2P AMP O . -6.20 22.40 -39.68
O3P AMP O . -4.80 20.32 -39.83
O5' AMP O . -5.87 21.26 -41.92
C5' AMP O . -4.93 20.43 -42.65
C4' AMP O . -5.00 20.71 -44.13
O4' AMP O . -3.73 20.35 -44.72
C3' AMP O . -6.08 19.95 -44.91
O3' AMP O . -7.16 20.82 -45.24
C2' AMP O . -5.39 19.44 -46.19
O2' AMP O . -5.69 20.21 -47.32
C1' AMP O . -3.89 19.56 -45.88
N9 AMP O . -3.19 18.29 -45.69
C8 AMP O . -1.87 18.08 -46.02
N7 AMP O . -1.45 16.87 -45.75
C5 AMP O . -2.56 16.23 -45.21
C6 AMP O . -2.75 14.93 -44.72
N6 AMP O . -1.80 14.01 -44.69
N1 AMP O . -3.98 14.61 -44.23
C2 AMP O . -4.93 15.55 -44.24
N3 AMP O . -4.87 16.81 -44.68
C4 AMP O . -3.64 17.10 -45.15
MG MG P . -5.70 17.98 -39.73
CA CA Q . -15.38 -1.60 -44.63
C ACT R . -3.20 -21.38 -22.01
O ACT R . -4.13 -21.97 -21.44
OXT ACT R . -2.04 -21.83 -22.09
CH3 ACT R . -3.46 -19.98 -22.59
C ACT S . -23.91 -18.87 -35.29
O ACT S . -23.58 -19.24 -34.16
OXT ACT S . -23.13 -18.85 -36.25
CH3 ACT S . -25.34 -18.43 -35.52
#